data_4IXV
#
_entry.id   4IXV
#
_cell.length_a   128.123
_cell.length_b   128.123
_cell.length_c   159.362
_cell.angle_alpha   90.00
_cell.angle_beta   90.00
_cell.angle_gamma   90.00
#
_symmetry.space_group_name_H-M   'P 42 21 2'
#
loop_
_entity.id
_entity.type
_entity.pdbx_description
1 polymer 'Arginase-2, mitochondrial'
2 non-polymer 'MANGANESE (II) ION'
3 non-polymer BENZAMIDINE
4 non-polymer BETA-MERCAPTOETHANOL
5 non-polymer {(5R)-5-amino-5-carboxy-5-[1-(4-chlorobenzyl)piperidin-4-yl]pentyl}(trihydroxy)borate(1-)
6 water water
#
_entity_poly.entity_id   1
_entity_poly.type   'polypeptide(L)'
_entity_poly.pdbx_seq_one_letter_code
;HSVAVIGAPFSQGQKRKGVEHGPAAIREAGLMKRLSSLGCHLKDFGDLSFTPVPKDDLYNNLIVNPRSVGLANQELAEVV
SRAVSDGYSCVTLGGDHSLAIGTISGHARHCPDLCVVWVDAHADINTPLTTSSGNLHGQPVSFLLRELQDKVPQLPGFSW
IKPCISSASIVYIGLRDVDPPEHFILKNYDIQYFSMRDIDRLGIQKVMERTFDLLIGKRQRPIHLSFDIDAFDPTLAPAT
GTPVVGGLTYREGMYIAEEIHNTGLLSALDLVEVNPQLATSEEEAKTTANLAVDVIASSFGQTREG
;
_entity_poly.pdbx_strand_id   A,B,C
#
loop_
_chem_comp.id
_chem_comp.type
_chem_comp.name
_chem_comp.formula
BEN non-polymer BENZAMIDINE 'C7 H8 N2'
BME non-polymer BETA-MERCAPTOETHANOL 'C2 H6 O S'
MN non-polymer 'MANGANESE (II) ION' 'Mn 2'
XA1 non-polymer {(5R)-5-amino-5-carboxy-5-[1-(4-chlorobenzyl)piperidin-4-yl]pentyl}(trihydroxy)borate(1-) 'C18 H29 B Cl N2 O5 -1'
#
# COMPACT_ATOMS: atom_id res chain seq x y z
N HIS A 1 -7.46 -15.75 -29.33
CA HIS A 1 -8.84 -15.69 -28.87
C HIS A 1 -9.38 -16.94 -28.18
N SER A 2 -9.01 -18.12 -28.63
CA SER A 2 -9.49 -19.31 -27.95
C SER A 2 -8.76 -19.55 -26.63
N VAL A 3 -9.52 -19.83 -25.57
CA VAL A 3 -9.00 -20.12 -24.25
C VAL A 3 -9.62 -21.41 -23.73
N ALA A 4 -8.76 -22.34 -23.30
CA ALA A 4 -9.21 -23.56 -22.63
C ALA A 4 -9.13 -23.36 -21.12
N VAL A 5 -10.13 -23.85 -20.40
CA VAL A 5 -10.12 -23.80 -18.95
C VAL A 5 -10.07 -25.22 -18.41
N ILE A 6 -9.04 -25.50 -17.61
CA ILE A 6 -8.88 -26.82 -17.03
C ILE A 6 -8.82 -26.72 -15.51
N GLY A 7 -9.77 -27.39 -14.85
CA GLY A 7 -9.72 -27.53 -13.41
C GLY A 7 -8.84 -28.70 -13.01
N ALA A 8 -7.83 -28.44 -12.19
CA ALA A 8 -6.96 -29.48 -11.65
C ALA A 8 -6.99 -29.48 -10.12
N PRO A 9 -7.93 -30.21 -9.54
CA PRO A 9 -8.04 -30.21 -8.07
C PRO A 9 -6.98 -31.06 -7.33
N PHE A 10 -5.71 -30.71 -7.52
CA PHE A 10 -4.44 -31.15 -6.95
C PHE A 10 -4.36 -30.84 -5.46
N SER A 11 -4.29 -31.75 -4.48
CA SER A 11 -3.95 -31.35 -3.11
C SER A 11 -2.77 -32.13 -2.58
N GLN A 12 -2.36 -33.18 -3.29
CA GLN A 12 -1.37 -34.09 -2.76
C GLN A 12 0.07 -33.59 -2.89
N GLY A 13 0.24 -32.41 -3.50
CA GLY A 13 1.55 -31.77 -3.52
C GLY A 13 1.88 -31.13 -2.17
N GLN A 14 0.92 -31.16 -1.26
CA GLN A 14 1.11 -30.58 0.08
C GLN A 14 0.16 -31.28 1.04
N LYS A 15 0.04 -30.78 2.26
CA LYS A 15 -0.62 -31.54 3.32
C LYS A 15 -1.91 -30.91 3.83
N ARG A 16 -2.20 -29.68 3.41
CA ARG A 16 -3.39 -28.98 3.91
C ARG A 16 -4.62 -29.27 3.08
N LYS A 17 -5.68 -29.68 3.77
CA LYS A 17 -6.92 -30.02 3.10
C LYS A 17 -7.62 -28.78 2.54
N GLY A 18 -8.20 -28.92 1.35
CA GLY A 18 -9.11 -27.92 0.84
C GLY A 18 -8.70 -27.21 -0.44
N VAL A 19 -7.40 -27.24 -0.76
CA VAL A 19 -6.92 -26.56 -1.96
C VAL A 19 -7.51 -27.22 -3.21
N GLU A 20 -7.95 -28.47 -3.08
CA GLU A 20 -8.61 -29.13 -4.21
C GLU A 20 -9.96 -28.47 -4.54
N HIS A 21 -10.46 -27.61 -3.65
CA HIS A 21 -11.69 -26.87 -3.95
C HIS A 21 -11.41 -25.51 -4.60
N GLY A 22 -10.14 -25.22 -4.84
CA GLY A 22 -9.74 -24.01 -5.54
C GLY A 22 -10.41 -23.77 -6.89
N PRO A 23 -10.44 -24.79 -7.78
CA PRO A 23 -11.04 -24.56 -9.10
C PRO A 23 -12.52 -24.22 -9.01
N ALA A 24 -13.28 -24.92 -8.16
CA ALA A 24 -14.72 -24.59 -8.02
C ALA A 24 -14.92 -23.16 -7.51
N ALA A 25 -14.12 -22.74 -6.55
CA ALA A 25 -14.27 -21.39 -5.98
C ALA A 25 -14.01 -20.31 -7.03
N ILE A 26 -13.01 -20.53 -7.86
CA ILE A 26 -12.66 -19.58 -8.91
C ILE A 26 -13.76 -19.50 -9.97
N ARG A 27 -14.29 -20.66 -10.33
CA ARG A 27 -15.44 -20.69 -11.24
C ARG A 27 -16.65 -19.96 -10.66
N GLU A 28 -16.95 -20.21 -9.38
CA GLU A 28 -18.07 -19.59 -8.67
CA GLU A 28 -18.11 -19.59 -8.76
C GLU A 28 -17.92 -18.08 -8.66
N ALA A 29 -16.67 -17.61 -8.62
CA ALA A 29 -16.41 -16.17 -8.65
C ALA A 29 -16.61 -15.54 -10.05
N GLY A 30 -17.08 -16.33 -11.02
CA GLY A 30 -17.49 -15.76 -12.30
C GLY A 30 -16.44 -15.73 -13.39
N LEU A 31 -15.48 -16.65 -13.34
CA LEU A 31 -14.37 -16.68 -14.30
C LEU A 31 -14.81 -16.70 -15.75
N MET A 32 -15.70 -17.63 -16.09
CA MET A 32 -16.09 -17.86 -17.49
C MET A 32 -16.72 -16.63 -18.15
N LYS A 33 -17.68 -15.98 -17.47
CA LYS A 33 -18.30 -14.77 -18.00
C LYS A 33 -17.26 -13.68 -18.25
N ARG A 34 -16.34 -13.51 -17.30
CA ARG A 34 -15.29 -12.51 -17.43
C ARG A 34 -14.44 -12.76 -18.67
N LEU A 35 -14.07 -14.03 -18.87
CA LEU A 35 -13.27 -14.39 -20.04
C LEU A 35 -14.08 -14.19 -21.32
N SER A 36 -15.34 -14.63 -21.29
CA SER A 36 -16.23 -14.47 -22.44
CA SER A 36 -16.24 -14.48 -22.43
C SER A 36 -16.36 -13.02 -22.87
N SER A 37 -16.54 -12.11 -21.90
CA SER A 37 -16.79 -10.71 -22.21
CA SER A 37 -16.77 -10.70 -22.17
C SER A 37 -15.59 -10.04 -22.88
N LEU A 38 -14.41 -10.64 -22.71
CA LEU A 38 -13.19 -10.10 -23.30
C LEU A 38 -13.11 -10.54 -24.75
N GLY A 39 -13.98 -11.46 -25.13
CA GLY A 39 -14.00 -11.97 -26.49
C GLY A 39 -13.29 -13.31 -26.62
N CYS A 40 -12.98 -13.95 -25.49
CA CYS A 40 -12.39 -15.28 -25.51
C CYS A 40 -13.40 -16.32 -25.95
N HIS A 41 -13.03 -17.12 -26.94
CA HIS A 41 -13.79 -18.32 -27.28
C HIS A 41 -13.35 -19.41 -26.33
N LEU A 42 -14.29 -20.00 -25.61
CA LEU A 42 -13.99 -20.86 -24.49
C LEU A 42 -14.30 -22.33 -24.69
N LYS A 43 -13.37 -23.16 -24.26
CA LYS A 43 -13.60 -24.58 -24.12
C LYS A 43 -13.33 -24.93 -22.67
N ASP A 44 -14.35 -25.40 -21.97
CA ASP A 44 -14.19 -25.81 -20.59
C ASP A 44 -14.01 -27.32 -20.54
N PHE A 45 -12.84 -27.77 -20.06
CA PHE A 45 -12.59 -29.20 -19.94
C PHE A 45 -13.18 -29.74 -18.62
N GLY A 46 -13.80 -28.85 -17.85
CA GLY A 46 -14.31 -29.21 -16.53
C GLY A 46 -13.18 -29.43 -15.53
N ASP A 47 -13.53 -30.08 -14.41
CA ASP A 47 -12.53 -30.48 -13.43
C ASP A 47 -12.08 -31.90 -13.70
N LEU A 48 -10.77 -32.09 -13.87
CA LEU A 48 -10.23 -33.42 -14.11
C LEU A 48 -10.36 -34.30 -12.88
N SER A 49 -10.57 -35.59 -13.11
CA SER A 49 -10.49 -36.59 -12.07
C SER A 49 -9.21 -37.36 -12.30
N PHE A 50 -8.28 -37.29 -11.35
CA PHE A 50 -6.99 -37.95 -11.51
C PHE A 50 -6.99 -39.37 -10.99
N THR A 51 -6.30 -40.24 -11.70
CA THR A 51 -6.26 -41.65 -11.35
C THR A 51 -5.47 -41.84 -10.05
N PRO A 52 -6.09 -42.50 -9.07
CA PRO A 52 -5.33 -42.76 -7.83
C PRO A 52 -4.28 -43.84 -8.04
N VAL A 53 -3.25 -43.83 -7.20
CA VAL A 53 -2.20 -44.84 -7.22
C VAL A 53 -2.21 -45.60 -5.89
N PRO A 54 -2.35 -46.94 -5.95
CA PRO A 54 -2.39 -47.70 -4.69
C PRO A 54 -1.05 -47.67 -3.97
N LYS A 55 -1.09 -47.68 -2.64
CA LYS A 55 0.10 -47.87 -1.82
C LYS A 55 1.20 -46.85 -2.14
N ASP A 56 0.81 -45.60 -2.26
CA ASP A 56 1.76 -44.56 -2.64
C ASP A 56 2.55 -44.09 -1.41
N ASP A 57 3.44 -44.95 -0.96
CA ASP A 57 4.22 -44.70 0.26
C ASP A 57 5.16 -43.51 0.09
N LEU A 58 5.58 -42.93 1.22
CA LEU A 58 6.60 -41.89 1.22
C LEU A 58 7.80 -42.36 0.40
N TYR A 59 8.37 -41.45 -0.34
CA TYR A 59 9.67 -41.65 -0.95
C TYR A 59 10.80 -41.20 -0.04
N ASN A 60 11.79 -42.04 0.17
CA ASN A 60 12.87 -41.74 1.07
C ASN A 60 12.46 -41.24 2.50
N ASN A 61 11.31 -41.67 3.00
CA ASN A 61 10.98 -41.29 4.38
C ASN A 61 10.73 -39.80 4.63
N LEU A 62 10.49 -39.13 3.50
CA LEU A 62 10.14 -37.70 3.39
C LEU A 62 9.08 -37.28 2.33
N ILE A 63 9.30 -37.57 1.04
CA ILE A 63 8.52 -36.99 -0.04
C ILE A 63 7.14 -37.64 -0.08
N VAL A 64 6.11 -36.82 0.10
CA VAL A 64 4.76 -37.36 0.22
C VAL A 64 4.06 -37.49 -1.12
N ASN A 65 3.24 -38.54 -1.26
CA ASN A 65 2.42 -38.79 -2.45
C ASN A 65 3.16 -38.72 -3.80
N PRO A 66 4.37 -39.27 -3.88
CA PRO A 66 5.13 -39.01 -5.13
C PRO A 66 4.45 -39.59 -6.38
N ARG A 67 3.96 -40.83 -6.33
CA ARG A 67 3.34 -41.44 -7.52
C ARG A 67 2.02 -40.77 -7.89
N SER A 68 1.23 -40.38 -6.89
CA SER A 68 -0.04 -39.70 -7.15
C SER A 68 0.20 -38.37 -7.87
N VAL A 69 1.17 -37.62 -7.36
CA VAL A 69 1.53 -36.33 -7.96
C VAL A 69 2.12 -36.52 -9.34
N GLY A 70 2.96 -37.55 -9.51
CA GLY A 70 3.54 -37.88 -10.79
C GLY A 70 2.50 -38.26 -11.83
N LEU A 71 1.59 -39.16 -11.48
CA LEU A 71 0.57 -39.64 -12.42
C LEU A 71 -0.45 -38.55 -12.75
N ALA A 72 -0.88 -37.81 -11.72
CA ALA A 72 -1.82 -36.72 -11.95
C ALA A 72 -1.25 -35.69 -12.93
N ASN A 73 0.03 -35.36 -12.74
CA ASN A 73 0.73 -34.45 -13.66
C ASN A 73 0.88 -35.04 -15.04
N GLN A 74 1.12 -36.35 -15.14
CA GLN A 74 1.19 -36.99 -16.45
C GLN A 74 -0.13 -36.82 -17.19
N GLU A 75 -1.22 -37.09 -16.49
CA GLU A 75 -2.57 -36.98 -17.05
C GLU A 75 -2.89 -35.53 -17.40
N LEU A 76 -2.51 -34.60 -16.54
CA LEU A 76 -2.71 -33.16 -16.80
C LEU A 76 -1.91 -32.65 -18.03
N ALA A 77 -0.65 -33.06 -18.14
CA ALA A 77 0.20 -32.73 -19.29
C ALA A 77 -0.45 -33.16 -20.61
N GLU A 78 -1.08 -34.33 -20.59
CA GLU A 78 -1.77 -34.85 -21.78
C GLU A 78 -2.92 -33.93 -22.18
N VAL A 79 -3.72 -33.51 -21.21
CA VAL A 79 -4.84 -32.60 -21.52
C VAL A 79 -4.36 -31.21 -22.00
N VAL A 80 -3.33 -30.67 -21.33
CA VAL A 80 -2.80 -29.35 -21.69
C VAL A 80 -2.19 -29.37 -23.11
N SER A 81 -1.37 -30.39 -23.38
CA SER A 81 -0.73 -30.56 -24.68
C SER A 81 -1.80 -30.58 -25.79
N ARG A 82 -2.86 -31.35 -25.57
CA ARG A 82 -3.92 -31.45 -26.56
C ARG A 82 -4.61 -30.10 -26.79
N ALA A 83 -4.91 -29.38 -25.71
CA ALA A 83 -5.58 -28.10 -25.82
C ALA A 83 -4.70 -27.04 -26.50
N VAL A 84 -3.42 -27.04 -26.17
CA VAL A 84 -2.49 -26.11 -26.79
C VAL A 84 -2.29 -26.44 -28.28
N SER A 85 -2.19 -27.72 -28.61
CA SER A 85 -2.04 -28.12 -30.01
C SER A 85 -3.27 -27.76 -30.86
N ASP A 86 -4.44 -27.71 -30.25
CA ASP A 86 -5.65 -27.29 -30.98
C ASP A 86 -5.85 -25.79 -30.97
N GLY A 87 -4.82 -25.05 -30.57
CA GLY A 87 -4.86 -23.60 -30.67
C GLY A 87 -5.41 -22.84 -29.47
N TYR A 88 -5.63 -23.53 -28.34
CA TYR A 88 -6.11 -22.83 -27.15
C TYR A 88 -4.99 -22.26 -26.29
N SER A 89 -5.19 -21.03 -25.81
CA SER A 89 -4.42 -20.59 -24.65
C SER A 89 -4.97 -21.36 -23.47
N CYS A 90 -4.08 -21.90 -22.65
CA CYS A 90 -4.49 -22.83 -21.61
C CYS A 90 -4.45 -22.28 -20.19
N VAL A 91 -5.62 -22.11 -19.61
CA VAL A 91 -5.76 -21.68 -18.22
C VAL A 91 -5.98 -22.90 -17.32
N THR A 92 -5.05 -23.15 -16.41
CA THR A 92 -5.22 -24.24 -15.44
C THR A 92 -5.46 -23.73 -14.03
N LEU A 93 -6.56 -24.17 -13.42
CA LEU A 93 -6.91 -23.73 -12.09
CA LEU A 93 -7.01 -23.76 -12.08
C LEU A 93 -6.54 -24.79 -11.04
N GLY A 94 -5.81 -24.38 -10.01
CA GLY A 94 -5.44 -25.30 -8.95
C GLY A 94 -6.31 -25.17 -7.71
N GLY A 95 -6.08 -26.04 -6.71
CA GLY A 95 -5.03 -27.02 -6.78
C GLY A 95 -3.69 -26.47 -6.35
N ASP A 96 -2.81 -27.31 -5.83
CA ASP A 96 -1.51 -26.88 -5.35
C ASP A 96 -0.50 -26.75 -6.50
N HIS A 97 0.62 -26.10 -6.23
CA HIS A 97 1.54 -25.71 -7.30
C HIS A 97 2.34 -26.85 -7.96
N SER A 98 2.23 -28.07 -7.43
CA SER A 98 2.89 -29.22 -8.05
C SER A 98 2.30 -29.51 -9.44
N LEU A 99 1.11 -28.97 -9.71
CA LEU A 99 0.50 -29.18 -11.01
C LEU A 99 1.21 -28.40 -12.13
N ALA A 100 2.06 -27.45 -11.78
CA ALA A 100 2.85 -26.76 -12.81
C ALA A 100 3.82 -27.74 -13.49
N ILE A 101 4.19 -28.81 -12.80
CA ILE A 101 4.98 -29.85 -13.43
C ILE A 101 4.23 -30.36 -14.65
N GLY A 102 2.93 -30.61 -14.49
CA GLY A 102 2.08 -31.07 -15.57
C GLY A 102 1.76 -30.03 -16.63
N THR A 103 1.41 -28.81 -16.22
CA THR A 103 1.01 -27.83 -17.21
C THR A 103 2.20 -27.34 -18.03
N ILE A 104 3.34 -27.16 -17.38
CA ILE A 104 4.52 -26.71 -18.10
C ILE A 104 5.07 -27.80 -19.04
N SER A 105 5.10 -29.05 -18.56
CA SER A 105 5.53 -30.17 -19.39
C SER A 105 4.61 -30.31 -20.61
N GLY A 106 3.30 -30.25 -20.37
CA GLY A 106 2.31 -30.39 -21.42
C GLY A 106 2.39 -29.26 -22.44
N HIS A 107 2.59 -28.05 -21.92
CA HIS A 107 2.77 -26.85 -22.73
C HIS A 107 4.02 -26.96 -23.58
N ALA A 108 5.10 -27.43 -22.96
CA ALA A 108 6.37 -27.52 -23.68
C ALA A 108 6.32 -28.61 -24.76
N ARG A 109 5.45 -29.59 -24.56
CA ARG A 109 5.24 -30.67 -25.53
C ARG A 109 4.89 -30.07 -26.90
N HIS A 110 4.13 -28.97 -26.89
CA HIS A 110 3.74 -28.31 -28.12
C HIS A 110 4.72 -27.24 -28.51
N CYS A 111 4.96 -26.42 -27.49
CA CYS A 111 5.78 -25.23 -27.65
C CYS A 111 7.09 -25.35 -26.85
N PRO A 112 8.10 -25.94 -27.47
CA PRO A 112 9.35 -26.19 -26.73
C PRO A 112 10.20 -24.93 -26.47
N ASP A 113 9.98 -23.84 -27.18
CA ASP A 113 10.75 -22.62 -26.91
C ASP A 113 10.01 -21.67 -25.93
N LEU A 114 9.05 -22.21 -25.18
CA LEU A 114 8.35 -21.40 -24.19
C LEU A 114 9.28 -20.85 -23.11
N CYS A 115 8.83 -19.76 -22.50
CA CYS A 115 9.52 -19.21 -21.34
C CYS A 115 8.50 -19.09 -20.22
N VAL A 116 9.00 -18.91 -18.99
CA VAL A 116 8.17 -18.99 -17.81
C VAL A 116 8.33 -17.77 -16.91
N VAL A 117 7.20 -17.16 -16.57
CA VAL A 117 7.15 -16.13 -15.56
C VAL A 117 6.45 -16.73 -14.34
N TRP A 118 7.20 -16.82 -13.24
CA TRP A 118 6.78 -17.51 -12.04
C TRP A 118 6.50 -16.48 -10.95
N VAL A 119 5.23 -16.21 -10.69
CA VAL A 119 4.84 -15.17 -9.73
C VAL A 119 4.44 -15.83 -8.42
N ASP A 120 5.17 -15.50 -7.36
CA ASP A 120 5.15 -16.34 -6.16
C ASP A 120 5.95 -15.71 -5.02
N ALA A 121 5.50 -15.95 -3.78
CA ALA A 121 6.28 -15.59 -2.61
C ALA A 121 7.48 -16.55 -2.49
N HIS A 122 7.38 -17.70 -3.15
CA HIS A 122 8.36 -18.78 -3.00
C HIS A 122 9.02 -19.15 -4.33
N ALA A 123 10.21 -19.73 -4.26
CA ALA A 123 10.94 -20.12 -5.45
C ALA A 123 10.50 -21.49 -5.97
N ASP A 124 9.96 -22.34 -5.08
CA ASP A 124 9.48 -23.66 -5.48
C ASP A 124 10.53 -24.51 -6.24
N ILE A 125 11.79 -24.36 -5.84
CA ILE A 125 12.88 -24.95 -6.60
C ILE A 125 13.73 -25.89 -5.72
N ASN A 126 13.18 -26.25 -4.56
CA ASN A 126 13.78 -27.35 -3.80
C ASN A 126 13.80 -28.59 -4.64
N THR A 127 14.79 -29.45 -4.38
CA THR A 127 14.85 -30.75 -4.99
C THR A 127 14.48 -31.76 -3.91
N PRO A 128 14.30 -33.04 -4.29
CA PRO A 128 14.09 -34.08 -3.28
C PRO A 128 15.22 -34.18 -2.24
N LEU A 129 16.38 -33.64 -2.55
CA LEU A 129 17.51 -33.68 -1.62
C LEU A 129 17.57 -32.44 -0.73
N THR A 130 16.82 -31.40 -1.07
CA THR A 130 16.91 -30.16 -0.29
C THR A 130 15.65 -29.82 0.48
N THR A 131 14.52 -30.36 0.02
CA THR A 131 13.25 -30.06 0.66
C THR A 131 13.30 -30.43 2.13
N SER A 132 12.75 -29.54 2.97
CA SER A 132 12.71 -29.79 4.40
C SER A 132 11.31 -30.23 4.83
N SER A 133 10.37 -30.19 3.88
CA SER A 133 8.97 -30.50 4.15
C SER A 133 8.53 -31.79 3.48
N GLY A 134 9.15 -32.12 2.36
CA GLY A 134 8.71 -33.26 1.57
C GLY A 134 7.53 -32.96 0.66
N ASN A 135 7.05 -31.72 0.67
CA ASN A 135 5.88 -31.36 -0.12
C ASN A 135 6.26 -30.96 -1.53
N LEU A 136 5.73 -31.70 -2.51
CA LEU A 136 6.14 -31.51 -3.88
C LEU A 136 5.78 -30.13 -4.47
N HIS A 137 4.78 -29.44 -3.85
CA HIS A 137 4.46 -28.09 -4.33
C HIS A 137 5.56 -27.05 -4.08
N GLY A 138 6.63 -27.43 -3.38
CA GLY A 138 7.74 -26.54 -3.13
C GLY A 138 8.97 -26.98 -3.88
N GLN A 139 8.74 -27.91 -4.82
CA GLN A 139 9.78 -28.48 -5.68
C GLN A 139 9.54 -28.44 -7.20
N PRO A 140 8.40 -27.95 -7.69
CA PRO A 140 8.13 -28.31 -9.11
C PRO A 140 9.18 -27.81 -10.10
N VAL A 141 9.76 -26.64 -9.87
CA VAL A 141 10.70 -26.08 -10.84
C VAL A 141 11.92 -26.99 -11.01
N SER A 142 12.32 -27.68 -9.94
CA SER A 142 13.50 -28.54 -9.98
C SER A 142 13.37 -29.69 -10.97
N PHE A 143 12.15 -30.13 -11.24
CA PHE A 143 11.93 -31.21 -12.19
C PHE A 143 11.90 -30.70 -13.62
N LEU A 144 11.84 -29.38 -13.76
CA LEU A 144 11.61 -28.75 -15.06
C LEU A 144 12.89 -28.14 -15.65
N LEU A 145 13.83 -27.79 -14.78
CA LEU A 145 15.02 -27.08 -15.21
C LEU A 145 16.11 -28.04 -15.64
N ARG A 146 16.52 -27.88 -16.90
CA ARG A 146 17.49 -28.74 -17.55
C ARG A 146 18.85 -28.78 -16.81
N GLU A 147 19.35 -27.62 -16.40
CA GLU A 147 20.66 -27.55 -15.71
C GLU A 147 20.73 -28.28 -14.38
N LEU A 148 19.59 -28.59 -13.78
CA LEU A 148 19.55 -29.19 -12.43
C LEU A 148 19.45 -30.71 -12.37
N GLN A 149 19.29 -31.38 -13.52
CA GLN A 149 18.92 -32.82 -13.58
CA GLN A 149 18.85 -32.76 -13.45
C GLN A 149 19.77 -33.73 -12.73
N ASP A 150 21.07 -33.52 -12.77
CA ASP A 150 21.99 -34.48 -12.15
C ASP A 150 22.01 -34.37 -10.62
N LYS A 151 21.32 -33.37 -10.10
CA LYS A 151 21.19 -33.17 -8.66
C LYS A 151 19.77 -33.51 -8.26
N VAL A 152 18.99 -33.98 -9.22
CA VAL A 152 17.60 -34.33 -8.95
C VAL A 152 17.37 -35.84 -9.11
N PRO A 153 17.16 -36.53 -7.98
CA PRO A 153 16.99 -37.98 -8.08
C PRO A 153 15.67 -38.31 -8.77
N GLN A 154 15.54 -39.54 -9.23
CA GLN A 154 14.36 -40.04 -9.91
C GLN A 154 13.34 -40.55 -8.90
N LEU A 155 12.18 -39.91 -8.86
CA LEU A 155 11.10 -40.29 -7.96
C LEU A 155 10.16 -41.28 -8.65
N PRO A 156 9.54 -42.17 -7.87
CA PRO A 156 8.55 -43.05 -8.50
C PRO A 156 7.38 -42.23 -9.05
N GLY A 157 7.00 -42.53 -10.29
CA GLY A 157 5.94 -41.81 -10.98
C GLY A 157 6.43 -40.64 -11.81
N PHE A 158 7.73 -40.33 -11.76
CA PHE A 158 8.26 -39.16 -12.45
C PHE A 158 9.05 -39.42 -13.73
N SER A 159 9.20 -40.69 -14.13
CA SER A 159 10.12 -41.01 -15.23
C SER A 159 9.67 -40.46 -16.59
N TRP A 160 8.38 -40.19 -16.76
CA TRP A 160 7.87 -39.63 -18.01
C TRP A 160 8.33 -38.19 -18.25
N ILE A 161 8.80 -37.53 -17.20
CA ILE A 161 9.18 -36.12 -17.31
C ILE A 161 10.53 -35.91 -18.01
N LYS A 162 10.49 -35.21 -19.10
CA LYS A 162 11.69 -34.79 -19.77
C LYS A 162 11.76 -33.29 -19.67
N PRO A 163 12.51 -32.88 -18.70
CA PRO A 163 12.70 -31.44 -18.45
C PRO A 163 13.60 -30.79 -19.49
N CYS A 164 12.96 -30.07 -20.35
CA CYS A 164 13.59 -29.28 -21.34
C CYS A 164 13.10 -27.82 -21.11
N ILE A 165 13.70 -27.14 -20.19
CA ILE A 165 13.53 -25.74 -20.11
C ILE A 165 14.75 -25.19 -19.40
N SER A 166 15.36 -24.21 -20.04
CA SER A 166 16.64 -23.73 -19.54
CA SER A 166 16.65 -23.73 -19.55
C SER A 166 16.46 -22.79 -18.36
N SER A 167 17.49 -22.71 -17.52
CA SER A 167 17.47 -21.85 -16.36
C SER A 167 17.43 -20.37 -16.74
N ALA A 168 17.81 -20.05 -17.98
CA ALA A 168 17.72 -18.68 -18.46
C ALA A 168 16.31 -18.38 -18.97
N SER A 169 15.43 -19.37 -18.94
CA SER A 169 14.08 -19.22 -19.49
C SER A 169 12.97 -19.06 -18.44
N ILE A 170 13.36 -18.89 -17.19
CA ILE A 170 12.39 -18.64 -16.13
C ILE A 170 12.81 -17.39 -15.35
N VAL A 171 11.85 -16.52 -15.08
CA VAL A 171 12.05 -15.35 -14.22
C VAL A 171 11.01 -15.36 -13.09
N TYR A 172 11.45 -15.17 -11.85
CA TYR A 172 10.55 -15.09 -10.71
C TYR A 172 10.22 -13.66 -10.37
N ILE A 173 8.99 -13.43 -9.97
CA ILE A 173 8.55 -12.14 -9.45
C ILE A 173 7.76 -12.34 -8.16
N GLY A 174 8.20 -11.66 -7.12
CA GLY A 174 7.55 -11.58 -5.85
C GLY A 174 8.17 -12.32 -4.66
N LEU A 175 9.32 -12.89 -4.88
CA LEU A 175 9.96 -13.74 -3.87
C LEU A 175 10.37 -13.14 -2.53
N ARG A 176 9.77 -13.62 -1.45
CA ARG A 176 10.17 -13.20 -0.11
C ARG A 176 10.34 -14.30 0.95
N ASP A 177 10.14 -15.54 0.58
CA ASP A 177 10.31 -16.64 1.54
C ASP A 177 11.06 -17.74 0.81
N VAL A 178 12.39 -17.65 0.84
CA VAL A 178 13.23 -18.54 0.05
C VAL A 178 14.10 -19.37 0.98
N ASP A 179 14.07 -20.69 0.83
CA ASP A 179 14.91 -21.55 1.68
C ASP A 179 16.36 -21.37 1.26
N PRO A 180 17.29 -21.50 2.22
CA PRO A 180 18.72 -21.36 1.89
C PRO A 180 19.21 -22.27 0.74
N PRO A 181 18.82 -23.56 0.70
CA PRO A 181 19.29 -24.30 -0.48
C PRO A 181 18.70 -23.77 -1.79
N GLU A 182 17.49 -23.20 -1.74
CA GLU A 182 16.93 -22.59 -2.95
C GLU A 182 17.71 -21.34 -3.32
N HIS A 183 18.14 -20.58 -2.32
CA HIS A 183 18.95 -19.40 -2.60
C HIS A 183 20.22 -19.82 -3.32
N PHE A 184 20.86 -20.88 -2.82
CA PHE A 184 22.07 -21.43 -3.44
C PHE A 184 21.83 -21.79 -4.90
N ILE A 185 20.72 -22.48 -5.16
CA ILE A 185 20.39 -22.91 -6.51
C ILE A 185 20.19 -21.71 -7.45
N LEU A 186 19.44 -20.72 -6.99
CA LEU A 186 19.17 -19.52 -7.78
C LEU A 186 20.49 -18.82 -8.18
N LYS A 187 21.40 -18.67 -7.22
CA LYS A 187 22.70 -18.05 -7.47
C LYS A 187 23.62 -18.93 -8.33
N ASN A 188 23.72 -20.21 -7.98
CA ASN A 188 24.62 -21.12 -8.69
C ASN A 188 24.26 -21.29 -10.16
N TYR A 189 22.96 -21.24 -10.49
CA TYR A 189 22.56 -21.39 -11.88
C TYR A 189 22.21 -20.07 -12.53
N ASP A 190 22.52 -18.96 -11.85
CA ASP A 190 22.26 -17.63 -12.38
C ASP A 190 20.80 -17.45 -12.84
N ILE A 191 19.85 -17.98 -12.06
CA ILE A 191 18.44 -17.83 -12.36
C ILE A 191 17.95 -16.45 -11.89
N GLN A 192 17.32 -15.70 -12.80
CA GLN A 192 16.94 -14.33 -12.51
C GLN A 192 15.63 -14.25 -11.73
N TYR A 193 15.58 -13.36 -10.75
CA TYR A 193 14.37 -13.12 -9.98
C TYR A 193 14.24 -11.67 -9.54
N PHE A 194 13.02 -11.23 -9.36
CA PHE A 194 12.77 -9.94 -8.74
C PHE A 194 12.03 -10.21 -7.45
N SER A 195 12.75 -10.07 -6.34
CA SER A 195 12.18 -10.28 -5.03
C SER A 195 11.32 -9.07 -4.68
N MET A 196 10.57 -9.14 -3.58
CA MET A 196 9.82 -7.99 -3.10
C MET A 196 10.74 -6.78 -2.88
N ARG A 197 11.97 -7.05 -2.43
CA ARG A 197 12.99 -6.02 -2.28
C ARG A 197 13.30 -5.31 -3.60
N ASP A 198 13.49 -6.09 -4.67
CA ASP A 198 13.73 -5.52 -6.00
C ASP A 198 12.54 -4.68 -6.46
N ILE A 199 11.33 -5.15 -6.15
CA ILE A 199 10.13 -4.39 -6.53
C ILE A 199 10.09 -3.06 -5.75
N ASP A 200 10.43 -3.12 -4.45
CA ASP A 200 10.54 -1.93 -3.63
C ASP A 200 11.49 -0.91 -4.25
N ARG A 201 12.57 -1.40 -4.86
CA ARG A 201 13.61 -0.53 -5.41
C ARG A 201 13.26 -0.01 -6.80
N LEU A 202 12.87 -0.91 -7.69
CA LEU A 202 12.69 -0.61 -9.11
C LEU A 202 11.29 -0.11 -9.42
N GLY A 203 10.32 -0.57 -8.66
CA GLY A 203 8.94 -0.40 -9.05
C GLY A 203 8.53 -1.48 -10.03
N ILE A 204 7.25 -1.83 -10.01
CA ILE A 204 6.73 -2.92 -10.83
C ILE A 204 6.86 -2.68 -12.36
N GLN A 205 6.84 -1.42 -12.82
CA GLN A 205 7.00 -1.18 -14.27
C GLN A 205 8.36 -1.65 -14.79
N LYS A 206 9.43 -1.22 -14.13
CA LYS A 206 10.76 -1.64 -14.53
C LYS A 206 10.98 -3.14 -14.36
N VAL A 207 10.34 -3.72 -13.34
CA VAL A 207 10.46 -5.16 -13.11
C VAL A 207 9.95 -5.95 -14.32
N MET A 208 8.80 -5.52 -14.85
CA MET A 208 8.20 -6.19 -16.00
C MET A 208 9.03 -5.94 -17.26
N GLU A 209 9.52 -4.72 -17.42
CA GLU A 209 10.39 -4.38 -18.55
C GLU A 209 11.60 -5.31 -18.57
N ARG A 210 12.25 -5.47 -17.41
CA ARG A 210 13.45 -6.27 -17.33
C ARG A 210 13.19 -7.75 -17.48
N THR A 211 12.04 -8.18 -16.97
CA THR A 211 11.61 -9.55 -17.10
C THR A 211 11.48 -9.96 -18.58
N PHE A 212 10.80 -9.13 -19.35
CA PHE A 212 10.58 -9.43 -20.76
C PHE A 212 11.86 -9.29 -21.57
N ASP A 213 12.70 -8.32 -21.21
CA ASP A 213 13.98 -8.21 -21.89
CA ASP A 213 13.99 -8.20 -21.89
C ASP A 213 14.78 -9.50 -21.76
N LEU A 214 14.89 -10.01 -20.53
CA LEU A 214 15.57 -11.29 -20.29
C LEU A 214 14.98 -12.48 -21.06
N LEU A 215 13.66 -12.52 -21.20
CA LEU A 215 12.97 -13.68 -21.75
C LEU A 215 12.70 -13.55 -23.25
N ILE A 216 12.27 -12.36 -23.67
CA ILE A 216 11.87 -12.19 -25.06
C ILE A 216 12.57 -11.00 -25.70
N GLY A 217 13.68 -10.59 -25.12
CA GLY A 217 14.43 -9.45 -25.62
C GLY A 217 15.08 -9.76 -26.96
N LYS A 218 15.37 -11.05 -27.22
CA LYS A 218 16.04 -11.43 -28.46
C LYS A 218 15.07 -11.97 -29.52
N ARG A 219 14.00 -12.62 -29.09
CA ARG A 219 13.02 -13.20 -29.99
C ARG A 219 11.68 -13.40 -29.28
N GLN A 220 10.62 -13.48 -30.07
CA GLN A 220 9.28 -13.80 -29.59
C GLN A 220 9.21 -15.25 -29.12
N ARG A 221 8.62 -15.48 -27.94
CA ARG A 221 8.45 -16.83 -27.39
C ARG A 221 7.10 -16.93 -26.69
N PRO A 222 6.45 -18.08 -26.79
CA PRO A 222 5.21 -18.24 -26.01
C PRO A 222 5.52 -18.15 -24.52
N ILE A 223 4.65 -17.45 -23.80
CA ILE A 223 4.86 -17.22 -22.39
C ILE A 223 3.95 -18.12 -21.55
N HIS A 224 4.55 -18.80 -20.58
CA HIS A 224 3.79 -19.53 -19.57
C HIS A 224 3.80 -18.72 -18.27
N LEU A 225 2.62 -18.25 -17.84
CA LEU A 225 2.48 -17.53 -16.56
C LEU A 225 2.02 -18.49 -15.46
N SER A 226 2.91 -18.78 -14.52
CA SER A 226 2.55 -19.64 -13.39
C SER A 226 2.39 -18.75 -12.18
N PHE A 227 1.14 -18.54 -11.79
CA PHE A 227 0.82 -17.52 -10.79
C PHE A 227 0.32 -18.18 -9.51
N ASP A 228 1.13 -18.12 -8.47
CA ASP A 228 0.76 -18.59 -7.15
C ASP A 228 0.04 -17.43 -6.43
N ILE A 229 -1.19 -17.67 -6.01
CA ILE A 229 -1.99 -16.64 -5.38
C ILE A 229 -1.31 -16.03 -4.14
N ASP A 230 -0.43 -16.80 -3.49
CA ASP A 230 0.30 -16.30 -2.32
C ASP A 230 1.39 -15.27 -2.63
N ALA A 231 1.59 -14.93 -3.91
CA ALA A 231 2.43 -13.79 -4.27
C ALA A 231 1.84 -12.50 -3.71
N PHE A 232 0.52 -12.43 -3.68
CA PHE A 232 -0.19 -11.28 -3.11
C PHE A 232 -0.03 -11.29 -1.60
N ASP A 233 0.00 -10.10 -1.01
CA ASP A 233 -0.05 -9.94 0.44
C ASP A 233 -1.24 -10.71 1.06
N PRO A 234 -1.00 -11.34 2.22
CA PRO A 234 -2.04 -12.10 2.96
C PRO A 234 -3.31 -11.30 3.26
N THR A 235 -3.21 -9.98 3.35
CA THR A 235 -4.42 -9.15 3.50
C THR A 235 -5.34 -9.23 2.27
N LEU A 236 -4.76 -9.45 1.10
CA LEU A 236 -5.54 -9.52 -0.13
C LEU A 236 -5.90 -10.95 -0.53
N ALA A 237 -5.03 -11.89 -0.23
CA ALA A 237 -5.30 -13.29 -0.54
C ALA A 237 -5.08 -14.20 0.68
N PRO A 238 -6.00 -14.14 1.66
CA PRO A 238 -5.80 -14.92 2.89
C PRO A 238 -6.02 -16.42 2.71
N ALA A 239 -6.83 -16.81 1.74
CA ALA A 239 -7.20 -18.22 1.61
C ALA A 239 -6.15 -19.02 0.82
N THR A 240 -5.04 -19.31 1.46
CA THR A 240 -3.92 -19.99 0.83
C THR A 240 -3.03 -20.62 1.90
N GLY A 241 -2.34 -21.70 1.56
CA GLY A 241 -1.66 -22.53 2.53
C GLY A 241 -0.40 -21.98 3.18
N THR A 242 0.37 -21.19 2.44
CA THR A 242 1.61 -20.64 2.98
CA THR A 242 1.62 -20.64 2.96
C THR A 242 1.68 -19.11 2.79
N PRO A 243 0.79 -18.36 3.48
CA PRO A 243 0.85 -16.90 3.36
C PRO A 243 2.14 -16.32 3.97
N VAL A 244 2.69 -15.28 3.35
CA VAL A 244 3.87 -14.58 3.85
C VAL A 244 3.65 -13.07 3.78
N VAL A 245 3.78 -12.39 4.91
CA VAL A 245 3.57 -10.94 4.96
C VAL A 245 4.46 -10.18 3.98
N GLY A 246 3.97 -9.04 3.51
CA GLY A 246 4.77 -8.15 2.67
C GLY A 246 4.76 -8.49 1.19
N GLY A 247 3.59 -8.86 0.67
CA GLY A 247 3.47 -9.30 -0.71
C GLY A 247 3.07 -8.23 -1.70
N LEU A 248 2.72 -8.69 -2.91
CA LEU A 248 2.24 -7.79 -3.95
C LEU A 248 0.97 -7.05 -3.52
N THR A 249 0.86 -5.79 -3.93
CA THR A 249 -0.38 -5.07 -3.78
C THR A 249 -1.30 -5.54 -4.91
N TYR A 250 -2.58 -5.21 -4.78
CA TYR A 250 -3.58 -5.49 -5.80
C TYR A 250 -3.12 -4.85 -7.11
N ARG A 251 -2.73 -3.58 -7.07
CA ARG A 251 -2.31 -2.86 -8.27
C ARG A 251 -1.08 -3.49 -8.90
N GLU A 252 -0.11 -3.90 -8.08
CA GLU A 252 1.07 -4.55 -8.62
C GLU A 252 0.69 -5.86 -9.36
N GLY A 253 -0.17 -6.68 -8.76
CA GLY A 253 -0.63 -7.90 -9.39
C GLY A 253 -1.34 -7.63 -10.72
N MET A 254 -2.23 -6.63 -10.76
CA MET A 254 -2.90 -6.26 -12.00
C MET A 254 -1.89 -5.82 -13.06
N TYR A 255 -0.91 -5.03 -12.63
CA TYR A 255 0.05 -4.49 -13.56
C TYR A 255 0.86 -5.64 -14.23
N ILE A 256 1.29 -6.60 -13.43
CA ILE A 256 1.98 -7.78 -13.96
C ILE A 256 1.12 -8.46 -15.01
N ALA A 257 -0.14 -8.71 -14.65
CA ALA A 257 -1.04 -9.40 -15.56
C ALA A 257 -1.25 -8.60 -16.86
N GLU A 258 -1.44 -7.29 -16.73
CA GLU A 258 -1.58 -6.37 -17.87
C GLU A 258 -0.37 -6.43 -18.82
N GLU A 259 0.84 -6.40 -18.26
CA GLU A 259 2.04 -6.50 -19.07
C GLU A 259 2.17 -7.88 -19.74
N ILE A 260 1.77 -8.92 -19.02
CA ILE A 260 1.67 -10.25 -19.62
C ILE A 260 0.78 -10.21 -20.87
N HIS A 261 -0.42 -9.63 -20.74
CA HIS A 261 -1.32 -9.50 -21.86
C HIS A 261 -0.72 -8.66 -23.00
N ASN A 262 -0.12 -7.53 -22.64
CA ASN A 262 0.41 -6.61 -23.65
C ASN A 262 1.53 -7.20 -24.51
N THR A 263 2.19 -8.27 -24.06
CA THR A 263 3.20 -8.92 -24.92
C THR A 263 2.55 -9.59 -26.13
N GLY A 264 1.28 -9.97 -26.00
CA GLY A 264 0.59 -10.75 -27.01
C GLY A 264 1.04 -12.22 -27.09
N LEU A 265 1.87 -12.66 -26.14
CA LEU A 265 2.52 -13.98 -26.22
C LEU A 265 2.04 -15.02 -25.21
N LEU A 266 1.09 -14.64 -24.35
CA LEU A 266 0.59 -15.56 -23.33
C LEU A 266 -0.03 -16.79 -23.99
N SER A 267 0.49 -17.96 -23.63
CA SER A 267 0.05 -19.20 -24.25
C SER A 267 -0.57 -20.14 -23.20
N ALA A 268 -0.14 -19.97 -21.95
CA ALA A 268 -0.72 -20.75 -20.85
C ALA A 268 -0.59 -20.06 -19.50
N LEU A 269 -1.57 -20.30 -18.64
CA LEU A 269 -1.59 -19.67 -17.33
C LEU A 269 -2.00 -20.66 -16.25
N ASP A 270 -1.23 -20.72 -15.16
CA ASP A 270 -1.67 -21.45 -13.99
C ASP A 270 -2.12 -20.46 -12.91
N LEU A 271 -3.21 -20.74 -12.26
CA LEU A 271 -3.62 -20.03 -11.11
C LEU A 271 -3.83 -21.01 -9.96
N VAL A 272 -2.87 -21.02 -9.05
CA VAL A 272 -2.75 -22.13 -8.11
C VAL A 272 -2.76 -21.66 -6.67
N GLU A 273 -3.04 -22.61 -5.77
CA GLU A 273 -2.93 -22.45 -4.32
C GLU A 273 -4.07 -21.65 -3.62
N VAL A 274 -5.16 -21.39 -4.34
CA VAL A 274 -6.37 -20.89 -3.68
C VAL A 274 -7.02 -22.03 -2.86
N ASN A 275 -7.11 -21.86 -1.54
CA ASN A 275 -7.69 -22.88 -0.66
C ASN A 275 -8.76 -22.22 0.17
N PRO A 276 -10.02 -22.33 -0.30
CA PRO A 276 -11.17 -21.65 0.32
C PRO A 276 -11.40 -22.06 1.80
N GLN A 277 -10.99 -23.25 2.21
CA GLN A 277 -11.15 -23.71 3.59
C GLN A 277 -10.27 -23.00 4.59
N LEU A 278 -9.22 -22.31 4.13
CA LEU A 278 -8.30 -21.68 5.06
C LEU A 278 -8.73 -20.24 5.35
N ALA A 279 -9.79 -19.81 4.70
CA ALA A 279 -10.37 -18.51 5.05
C ALA A 279 -11.03 -18.56 6.43
N THR A 280 -10.93 -17.47 7.18
CA THR A 280 -11.58 -17.38 8.49
C THR A 280 -13.08 -17.09 8.34
N SER A 281 -13.46 -16.67 7.12
CA SER A 281 -14.85 -16.36 6.81
C SER A 281 -15.10 -16.58 5.32
N GLU A 282 -16.38 -16.65 4.95
CA GLU A 282 -16.77 -16.80 3.54
C GLU A 282 -16.31 -15.60 2.72
N GLU A 283 -16.27 -14.44 3.36
CA GLU A 283 -15.78 -13.22 2.73
C GLU A 283 -14.30 -13.31 2.36
N GLU A 284 -13.47 -13.78 3.29
CA GLU A 284 -12.05 -13.97 2.99
C GLU A 284 -11.87 -14.97 1.83
N ALA A 285 -12.71 -15.98 1.81
CA ALA A 285 -12.66 -16.99 0.76
C ALA A 285 -13.04 -16.36 -0.57
N LYS A 286 -14.14 -15.60 -0.58
CA LYS A 286 -14.60 -15.01 -1.82
C LYS A 286 -13.65 -13.93 -2.35
N THR A 287 -13.07 -13.12 -1.46
CA THR A 287 -12.16 -12.08 -1.91
CA THR A 287 -12.15 -12.07 -1.89
C THR A 287 -10.91 -12.70 -2.54
N THR A 288 -10.46 -13.85 -2.00
CA THR A 288 -9.31 -14.54 -2.59
C THR A 288 -9.66 -15.09 -3.99
N ALA A 289 -10.81 -15.72 -4.12
CA ALA A 289 -11.25 -16.24 -5.41
C ALA A 289 -11.55 -15.13 -6.43
N ASN A 290 -12.11 -14.03 -5.97
CA ASN A 290 -12.35 -12.89 -6.84
C ASN A 290 -11.05 -12.31 -7.37
N LEU A 291 -10.05 -12.31 -6.50
CA LEU A 291 -8.74 -11.83 -6.86
C LEU A 291 -8.14 -12.73 -7.93
N ALA A 292 -8.32 -14.04 -7.77
CA ALA A 292 -7.85 -15.01 -8.77
C ALA A 292 -8.46 -14.71 -10.14
N VAL A 293 -9.77 -14.42 -10.17
CA VAL A 293 -10.45 -14.08 -11.42
C VAL A 293 -9.90 -12.80 -12.03
N ASP A 294 -9.66 -11.79 -11.20
CA ASP A 294 -9.03 -10.56 -11.65
C ASP A 294 -7.68 -10.77 -12.33
N VAL A 295 -6.84 -11.64 -11.77
CA VAL A 295 -5.54 -11.92 -12.37
C VAL A 295 -5.69 -12.54 -13.74
N ILE A 296 -6.56 -13.54 -13.81
CA ILE A 296 -6.75 -14.29 -15.05
C ILE A 296 -7.33 -13.39 -16.12
N ALA A 297 -8.35 -12.62 -15.75
CA ALA A 297 -9.01 -11.71 -16.69
C ALA A 297 -8.05 -10.62 -17.18
N SER A 298 -7.25 -10.07 -16.29
CA SER A 298 -6.29 -9.05 -16.68
CA SER A 298 -6.30 -9.04 -16.71
C SER A 298 -5.23 -9.64 -17.62
N SER A 299 -4.85 -10.88 -17.36
CA SER A 299 -3.84 -11.56 -18.18
C SER A 299 -4.34 -11.78 -19.61
N PHE A 300 -5.66 -11.77 -19.79
CA PHE A 300 -6.25 -11.93 -21.11
C PHE A 300 -6.94 -10.69 -21.63
N GLY A 301 -6.59 -9.53 -21.08
CA GLY A 301 -6.97 -8.29 -21.74
C GLY A 301 -7.86 -7.35 -20.96
N GLN A 302 -8.27 -7.70 -19.74
CA GLN A 302 -9.03 -6.73 -18.98
C GLN A 302 -8.13 -5.56 -18.57
N THR A 303 -8.63 -4.34 -18.78
CA THR A 303 -7.88 -3.12 -18.43
C THR A 303 -8.56 -2.35 -17.32
N ARG A 304 -7.83 -1.39 -16.79
CA ARG A 304 -8.39 -0.47 -15.82
C ARG A 304 -8.75 0.87 -16.46
N GLU A 305 -8.88 0.91 -17.77
CA GLU A 305 -9.25 2.15 -18.44
C GLU A 305 -10.30 2.07 -19.50
N GLY A 306 -10.94 0.94 -19.55
CA GLY A 306 -12.08 0.76 -20.42
C GLY A 306 -11.71 0.48 -21.86
N HIS B 1 -7.51 35.00 3.05
CA HIS B 1 -8.06 33.83 2.35
C HIS B 1 -9.39 33.37 2.94
N SER B 2 -10.45 33.64 2.21
CA SER B 2 -11.81 33.24 2.60
C SER B 2 -12.28 31.95 1.94
N VAL B 3 -12.94 31.11 2.71
CA VAL B 3 -13.44 29.85 2.20
C VAL B 3 -14.94 29.80 2.45
N ALA B 4 -15.70 29.54 1.40
CA ALA B 4 -17.12 29.32 1.56
C ALA B 4 -17.38 27.82 1.62
N VAL B 5 -18.22 27.40 2.57
CA VAL B 5 -18.61 26.01 2.64
C VAL B 5 -20.10 25.89 2.34
N ILE B 6 -20.40 25.08 1.33
CA ILE B 6 -21.77 24.89 0.88
C ILE B 6 -22.11 23.42 0.96
N GLY B 7 -23.16 23.08 1.69
CA GLY B 7 -23.66 21.72 1.69
C GLY B 7 -24.64 21.52 0.55
N ALA B 8 -24.38 20.52 -0.29
CA ALA B 8 -25.28 20.20 -1.41
C ALA B 8 -25.78 18.76 -1.30
N PRO B 9 -26.86 18.55 -0.54
CA PRO B 9 -27.34 17.19 -0.30
C PRO B 9 -28.12 16.57 -1.47
N PHE B 10 -27.43 16.38 -2.61
CA PHE B 10 -27.98 15.76 -3.82
C PHE B 10 -28.00 14.26 -3.64
N SER B 11 -29.12 13.63 -3.99
CA SER B 11 -29.15 12.18 -4.09
C SER B 11 -29.76 11.74 -5.43
N GLN B 12 -30.41 12.67 -6.12
CA GLN B 12 -31.19 12.29 -7.29
C GLN B 12 -30.36 12.06 -8.57
N GLY B 13 -29.05 12.27 -8.48
CA GLY B 13 -28.13 11.91 -9.55
C GLY B 13 -27.84 10.42 -9.61
N GLN B 14 -28.37 9.66 -8.65
CA GLN B 14 -28.17 8.21 -8.65
C GLN B 14 -29.29 7.59 -7.87
N LYS B 15 -29.19 6.29 -7.57
CA LYS B 15 -30.33 5.55 -7.04
C LYS B 15 -30.21 5.02 -5.59
N ARG B 16 -29.02 5.10 -5.00
CA ARG B 16 -28.77 4.56 -3.64
C ARG B 16 -29.07 5.65 -2.61
N LYS B 17 -29.90 5.31 -1.62
CA LYS B 17 -30.31 6.27 -0.59
C LYS B 17 -29.17 6.59 0.36
N GLY B 18 -29.09 7.84 0.78
CA GLY B 18 -28.23 8.19 1.89
C GLY B 18 -27.12 9.16 1.62
N VAL B 19 -26.76 9.32 0.35
CA VAL B 19 -25.67 10.22 -0.02
C VAL B 19 -26.01 11.67 0.33
N GLU B 20 -27.30 11.98 0.45
CA GLU B 20 -27.72 13.31 0.90
C GLU B 20 -27.29 13.60 2.34
N HIS B 21 -26.87 12.59 3.09
CA HIS B 21 -26.37 12.80 4.45
C HIS B 21 -24.87 12.99 4.46
N GLY B 22 -24.24 12.94 3.29
CA GLY B 22 -22.81 13.20 3.18
C GLY B 22 -22.33 14.52 3.80
N PRO B 23 -23.00 15.65 3.48
CA PRO B 23 -22.48 16.92 4.03
C PRO B 23 -22.48 16.97 5.54
N ALA B 24 -23.56 16.49 6.18
CA ALA B 24 -23.61 16.46 7.64
C ALA B 24 -22.50 15.59 8.23
N ALA B 25 -22.24 14.43 7.61
CA ALA B 25 -21.22 13.51 8.11
C ALA B 25 -19.82 14.16 8.05
N ILE B 26 -19.59 14.89 6.98
CA ILE B 26 -18.32 15.60 6.82
C ILE B 26 -18.20 16.73 7.85
N ARG B 27 -19.27 17.48 8.06
CA ARG B 27 -19.25 18.50 9.11
C ARG B 27 -19.00 17.87 10.49
N GLU B 28 -19.69 16.78 10.79
CA GLU B 28 -19.54 16.09 12.06
C GLU B 28 -18.12 15.55 12.22
N ALA B 29 -17.45 15.24 11.10
CA ALA B 29 -16.05 14.81 11.20
C ALA B 29 -15.08 15.96 11.49
N GLY B 30 -15.60 17.16 11.75
CA GLY B 30 -14.79 18.27 12.22
C GLY B 30 -14.20 19.22 11.17
N LEU B 31 -14.85 19.32 10.00
CA LEU B 31 -14.35 20.12 8.89
C LEU B 31 -14.07 21.58 9.24
N MET B 32 -15.05 22.25 9.86
CA MET B 32 -14.94 23.69 10.10
C MET B 32 -13.76 24.10 10.95
N LYS B 33 -13.54 23.41 12.07
CA LYS B 33 -12.39 23.66 12.95
C LYS B 33 -11.05 23.46 12.24
N ARG B 34 -10.96 22.39 11.46
CA ARG B 34 -9.76 22.10 10.70
C ARG B 34 -9.42 23.24 9.73
N LEU B 35 -10.44 23.77 9.05
CA LEU B 35 -10.23 24.87 8.13
C LEU B 35 -9.86 26.15 8.87
N SER B 36 -10.58 26.44 9.96
CA SER B 36 -10.24 27.60 10.81
CA SER B 36 -10.24 27.60 10.81
C SER B 36 -8.79 27.56 11.28
N SER B 37 -8.34 26.39 11.74
CA SER B 37 -6.97 26.20 12.24
C SER B 37 -5.89 26.53 11.21
N LEU B 38 -6.23 26.39 9.94
CA LEU B 38 -5.27 26.68 8.88
C LEU B 38 -5.26 28.17 8.62
N GLY B 39 -6.19 28.88 9.24
CA GLY B 39 -6.29 30.32 9.08
C GLY B 39 -7.32 30.76 8.05
N CYS B 40 -8.17 29.83 7.63
CA CYS B 40 -9.25 30.19 6.71
C CYS B 40 -10.33 30.98 7.42
N HIS B 41 -10.69 32.11 6.80
CA HIS B 41 -11.89 32.85 7.20
C HIS B 41 -13.07 32.16 6.53
N LEU B 42 -14.04 31.76 7.34
CA LEU B 42 -15.10 30.89 6.86
C LEU B 42 -16.48 31.51 6.75
N LYS B 43 -17.17 31.21 5.66
CA LYS B 43 -18.60 31.45 5.57
C LYS B 43 -19.32 30.13 5.30
N ASP B 44 -20.19 29.74 6.24
CA ASP B 44 -20.94 28.52 6.09
C ASP B 44 -22.32 28.86 5.57
N PHE B 45 -22.62 28.39 4.37
CA PHE B 45 -23.93 28.64 3.77
C PHE B 45 -24.94 27.63 4.28
N GLY B 46 -24.50 26.70 5.12
CA GLY B 46 -25.34 25.61 5.56
C GLY B 46 -25.58 24.61 4.45
N ASP B 47 -26.61 23.77 4.63
CA ASP B 47 -27.05 22.84 3.59
C ASP B 47 -28.19 23.46 2.80
N LEU B 48 -27.99 23.60 1.49
CA LEU B 48 -29.02 24.17 0.65
C LEU B 48 -30.24 23.26 0.61
N SER B 49 -31.42 23.85 0.46
CA SER B 49 -32.63 23.06 0.17
C SER B 49 -33.02 23.34 -1.28
N PHE B 50 -32.98 22.30 -2.09
CA PHE B 50 -33.24 22.48 -3.51
C PHE B 50 -34.73 22.35 -3.81
N THR B 51 -35.19 23.17 -4.74
CA THR B 51 -36.59 23.18 -5.10
C THR B 51 -36.92 21.90 -5.86
N PRO B 52 -37.90 21.13 -5.36
CA PRO B 52 -38.29 19.90 -6.07
C PRO B 52 -39.05 20.25 -7.34
N VAL B 53 -39.10 19.31 -8.28
CA VAL B 53 -39.88 19.49 -9.49
C VAL B 53 -40.96 18.40 -9.55
N PRO B 54 -42.23 18.80 -9.66
CA PRO B 54 -43.30 17.79 -9.72
C PRO B 54 -43.22 16.96 -11.01
N LYS B 55 -43.65 15.71 -10.95
CA LYS B 55 -43.81 14.86 -12.14
C LYS B 55 -42.53 14.80 -12.97
N ASP B 56 -41.42 14.64 -12.28
CA ASP B 56 -40.13 14.62 -12.93
C ASP B 56 -39.91 13.20 -13.47
N ASP B 57 -40.66 12.86 -14.51
CA ASP B 57 -40.62 11.52 -15.09
C ASP B 57 -39.29 11.26 -15.79
N LEU B 58 -38.98 9.98 -15.98
CA LEU B 58 -37.79 9.56 -16.73
C LEU B 58 -37.70 10.29 -18.05
N TYR B 59 -36.48 10.64 -18.42
CA TYR B 59 -36.23 11.10 -19.76
C TYR B 59 -35.82 9.93 -20.66
N ASN B 60 -36.53 9.81 -21.78
CA ASN B 60 -36.33 8.79 -22.75
C ASN B 60 -36.34 7.40 -22.15
N ASN B 61 -37.22 7.21 -21.18
CA ASN B 61 -37.39 5.96 -20.47
C ASN B 61 -36.16 5.43 -19.74
N LEU B 62 -35.14 6.28 -19.58
CA LEU B 62 -33.89 5.87 -18.95
C LEU B 62 -33.27 6.85 -17.93
N ILE B 63 -33.12 8.12 -18.30
CA ILE B 63 -32.40 9.08 -17.46
C ILE B 63 -33.28 9.49 -16.29
N VAL B 64 -32.81 9.25 -15.07
CA VAL B 64 -33.65 9.46 -13.88
C VAL B 64 -33.52 10.88 -13.29
N ASN B 65 -34.65 11.39 -12.81
CA ASN B 65 -34.74 12.73 -12.18
C ASN B 65 -34.10 13.89 -12.97
N PRO B 66 -34.33 13.97 -14.28
CA PRO B 66 -33.59 15.02 -15.03
C PRO B 66 -33.92 16.46 -14.60
N ARG B 67 -35.20 16.80 -14.40
CA ARG B 67 -35.55 18.16 -14.02
C ARG B 67 -35.08 18.53 -12.62
N SER B 68 -35.15 17.58 -11.69
CA SER B 68 -34.72 17.82 -10.32
C SER B 68 -33.22 18.12 -10.29
N VAL B 69 -32.46 17.30 -10.98
CA VAL B 69 -31.02 17.45 -11.02
C VAL B 69 -30.68 18.75 -11.74
N GLY B 70 -31.45 19.07 -12.78
CA GLY B 70 -31.28 20.31 -13.51
C GLY B 70 -31.50 21.55 -12.66
N LEU B 71 -32.64 21.60 -11.97
CA LEU B 71 -32.99 22.78 -11.17
C LEU B 71 -32.08 22.93 -9.94
N ALA B 72 -31.79 21.82 -9.27
CA ALA B 72 -30.89 21.85 -8.12
C ALA B 72 -29.52 22.38 -8.53
N ASN B 73 -29.04 21.95 -9.70
CA ASN B 73 -27.75 22.46 -10.21
C ASN B 73 -27.80 23.94 -10.62
N GLN B 74 -28.94 24.38 -11.17
CA GLN B 74 -29.11 25.80 -11.49
C GLN B 74 -29.00 26.65 -10.22
N GLU B 75 -29.69 26.21 -9.16
CA GLU B 75 -29.68 26.91 -7.89
C GLU B 75 -28.31 26.87 -7.24
N LEU B 76 -27.65 25.72 -7.32
CA LEU B 76 -26.30 25.58 -6.79
C LEU B 76 -25.31 26.49 -7.52
N ALA B 77 -25.39 26.50 -8.85
CA ALA B 77 -24.52 27.36 -9.67
C ALA B 77 -24.60 28.82 -9.25
N GLU B 78 -25.81 29.26 -8.94
CA GLU B 78 -26.05 30.63 -8.55
C GLU B 78 -25.32 30.95 -7.25
N VAL B 79 -25.45 30.07 -6.26
CA VAL B 79 -24.75 30.26 -5.00
C VAL B 79 -23.24 30.20 -5.19
N VAL B 80 -22.77 29.27 -6.01
CA VAL B 80 -21.34 29.16 -6.26
C VAL B 80 -20.83 30.42 -6.96
N SER B 81 -21.54 30.85 -8.00
CA SER B 81 -21.18 32.05 -8.73
C SER B 81 -21.07 33.25 -7.79
N ARG B 82 -22.06 33.42 -6.92
CA ARG B 82 -22.05 34.52 -5.97
C ARG B 82 -20.86 34.45 -5.02
N ALA B 83 -20.59 33.26 -4.48
CA ALA B 83 -19.51 33.12 -3.50
C ALA B 83 -18.13 33.43 -4.10
N VAL B 84 -17.92 32.99 -5.32
CA VAL B 84 -16.65 33.27 -5.99
C VAL B 84 -16.51 34.78 -6.22
N SER B 85 -17.59 35.40 -6.70
CA SER B 85 -17.56 36.84 -6.95
C SER B 85 -17.30 37.63 -5.66
N ASP B 86 -17.72 37.09 -4.51
CA ASP B 86 -17.42 37.73 -3.23
C ASP B 86 -16.05 37.31 -2.71
N GLY B 87 -15.28 36.62 -3.55
CA GLY B 87 -13.91 36.33 -3.22
C GLY B 87 -13.66 35.08 -2.40
N TYR B 88 -14.67 34.23 -2.27
CA TYR B 88 -14.49 32.98 -1.52
C TYR B 88 -13.94 31.86 -2.41
N SER B 89 -12.97 31.10 -1.92
CA SER B 89 -12.71 29.76 -2.46
C SER B 89 -13.88 28.89 -2.02
N CYS B 90 -14.44 28.11 -2.93
CA CYS B 90 -15.69 27.41 -2.68
CA CYS B 90 -15.70 27.43 -2.68
C CYS B 90 -15.56 25.92 -2.41
N VAL B 91 -15.91 25.51 -1.19
CA VAL B 91 -15.97 24.10 -0.86
C VAL B 91 -17.43 23.65 -0.91
N THR B 92 -17.75 22.74 -1.83
CA THR B 92 -19.09 22.17 -1.86
C THR B 92 -19.08 20.71 -1.41
N LEU B 93 -19.93 20.39 -0.43
CA LEU B 93 -19.98 19.03 0.09
C LEU B 93 -21.16 18.29 -0.48
N GLY B 94 -20.92 17.09 -1.01
CA GLY B 94 -21.98 16.29 -1.59
C GLY B 94 -22.45 15.21 -0.62
N GLY B 95 -23.49 14.45 -0.98
CA GLY B 95 -24.14 14.60 -2.28
C GLY B 95 -23.46 13.83 -3.40
N ASP B 96 -24.24 13.44 -4.41
CA ASP B 96 -23.71 12.68 -5.52
C ASP B 96 -23.02 13.62 -6.53
N HIS B 97 -22.21 13.05 -7.43
CA HIS B 97 -21.36 13.84 -8.30
C HIS B 97 -22.07 14.66 -9.41
N SER B 98 -23.37 14.49 -9.57
CA SER B 98 -24.10 15.31 -10.53
C SER B 98 -24.07 16.81 -10.15
N LEU B 99 -23.75 17.11 -8.90
CA LEU B 99 -23.70 18.51 -8.48
C LEU B 99 -22.50 19.25 -9.05
N ALA B 100 -21.55 18.50 -9.62
CA ALA B 100 -20.44 19.17 -10.27
C ALA B 100 -20.95 19.97 -11.46
N ILE B 101 -22.08 19.55 -12.01
CA ILE B 101 -22.69 20.33 -13.08
C ILE B 101 -22.95 21.73 -12.58
N GLY B 102 -23.52 21.83 -11.38
CA GLY B 102 -23.82 23.12 -10.78
C GLY B 102 -22.59 23.89 -10.32
N THR B 103 -21.69 23.24 -9.60
CA THR B 103 -20.55 23.99 -9.07
C THR B 103 -19.63 24.46 -10.20
N ILE B 104 -19.40 23.61 -11.19
CA ILE B 104 -18.51 24.01 -12.26
C ILE B 104 -19.16 25.10 -13.12
N SER B 105 -20.45 24.97 -13.41
CA SER B 105 -21.13 26.01 -14.19
C SER B 105 -21.09 27.36 -13.46
N GLY B 106 -21.37 27.35 -12.16
CA GLY B 106 -21.32 28.56 -11.37
C GLY B 106 -19.93 29.16 -11.29
N HIS B 107 -18.92 28.30 -11.12
CA HIS B 107 -17.52 28.70 -11.04
C HIS B 107 -17.05 29.33 -12.37
N ALA B 108 -17.45 28.71 -13.48
CA ALA B 108 -17.04 29.13 -14.82
C ALA B 108 -17.74 30.39 -15.32
N ARG B 109 -18.86 30.75 -14.70
CA ARG B 109 -19.66 31.90 -15.11
C ARG B 109 -18.84 33.17 -15.27
N HIS B 110 -18.03 33.46 -14.27
CA HIS B 110 -17.13 34.60 -14.29
C HIS B 110 -15.65 34.20 -14.35
N CYS B 111 -15.37 32.90 -14.33
CA CYS B 111 -13.99 32.45 -14.52
C CYS B 111 -13.95 31.41 -15.61
N PRO B 112 -14.19 31.83 -16.86
CA PRO B 112 -14.35 30.91 -17.99
C PRO B 112 -13.06 30.21 -18.37
N ASP B 113 -11.92 30.72 -17.93
CA ASP B 113 -10.66 30.05 -18.21
C ASP B 113 -10.25 29.09 -17.06
N LEU B 114 -11.20 28.71 -16.21
CA LEU B 114 -10.87 27.75 -15.15
C LEU B 114 -10.43 26.41 -15.75
N CYS B 115 -9.67 25.64 -14.98
CA CYS B 115 -9.34 24.28 -15.38
C CYS B 115 -9.81 23.30 -14.28
N VAL B 116 -9.92 22.03 -14.64
CA VAL B 116 -10.54 21.03 -13.78
C VAL B 116 -9.62 19.83 -13.53
N VAL B 117 -9.43 19.51 -12.25
CA VAL B 117 -8.78 18.28 -11.86
C VAL B 117 -9.89 17.40 -11.25
N TRP B 118 -10.14 16.28 -11.93
CA TRP B 118 -11.25 15.40 -11.62
C TRP B 118 -10.65 14.12 -11.04
N VAL B 119 -10.73 13.96 -9.72
CA VAL B 119 -10.13 12.81 -9.02
C VAL B 119 -11.24 11.80 -8.74
N ASP B 120 -11.12 10.59 -9.30
CA ASP B 120 -12.27 9.70 -9.41
C ASP B 120 -11.86 8.33 -9.95
N ALA B 121 -12.56 7.28 -9.52
CA ALA B 121 -12.39 5.96 -10.12
C ALA B 121 -13.02 5.92 -11.53
N HIS B 122 -13.93 6.85 -11.78
CA HIS B 122 -14.78 6.87 -12.97
C HIS B 122 -14.55 8.17 -13.76
N ALA B 123 -14.88 8.13 -15.05
CA ALA B 123 -14.70 9.28 -15.92
C ALA B 123 -15.89 10.25 -15.87
N ASP B 124 -17.05 9.73 -15.47
CA ASP B 124 -18.28 10.51 -15.33
C ASP B 124 -18.61 11.29 -16.61
N ILE B 125 -18.30 10.69 -17.75
CA ILE B 125 -18.38 11.40 -19.02
C ILE B 125 -19.31 10.69 -20.00
N ASN B 126 -20.13 9.79 -19.50
CA ASN B 126 -21.22 9.28 -20.31
C ASN B 126 -22.14 10.41 -20.70
N THR B 127 -22.77 10.30 -21.87
CA THR B 127 -23.77 11.26 -22.30
C THR B 127 -25.10 10.57 -22.11
N PRO B 128 -26.21 11.32 -22.26
CA PRO B 128 -27.52 10.66 -22.23
C PRO B 128 -27.68 9.56 -23.28
N LEU B 129 -26.85 9.55 -24.31
CA LEU B 129 -26.95 8.54 -25.35
C LEU B 129 -26.03 7.33 -25.09
N THR B 130 -25.11 7.43 -24.12
CA THR B 130 -24.20 6.33 -23.83
C THR B 130 -24.42 5.69 -22.46
N THR B 131 -25.05 6.42 -21.54
CA THR B 131 -25.23 5.90 -20.20
C THR B 131 -26.07 4.62 -20.21
N SER B 132 -25.62 3.62 -19.45
CA SER B 132 -26.36 2.36 -19.32
C SER B 132 -27.12 2.30 -18.01
N SER B 133 -26.97 3.33 -17.17
CA SER B 133 -27.59 3.34 -15.85
C SER B 133 -28.73 4.35 -15.77
N GLY B 134 -28.61 5.43 -16.56
CA GLY B 134 -29.56 6.52 -16.48
C GLY B 134 -29.25 7.48 -15.33
N ASN B 135 -28.17 7.20 -14.60
CA ASN B 135 -27.81 7.98 -13.43
C ASN B 135 -26.92 9.16 -13.80
N LEU B 136 -27.43 10.37 -13.54
CA LEU B 136 -26.75 11.59 -13.97
C LEU B 136 -25.40 11.81 -13.32
N HIS B 137 -25.15 11.17 -12.18
CA HIS B 137 -23.83 11.31 -11.52
C HIS B 137 -22.70 10.69 -12.34
N GLY B 138 -23.07 9.89 -13.35
CA GLY B 138 -22.10 9.27 -14.23
C GLY B 138 -22.02 9.99 -15.57
N GLN B 139 -22.72 11.12 -15.66
CA GLN B 139 -22.70 11.95 -16.88
C GLN B 139 -22.25 13.43 -16.76
N PRO B 140 -21.80 13.90 -15.57
CA PRO B 140 -21.72 15.37 -15.43
C PRO B 140 -20.75 16.07 -16.38
N VAL B 141 -19.63 15.42 -16.68
CA VAL B 141 -18.61 16.04 -17.51
C VAL B 141 -19.13 16.28 -18.93
N SER B 142 -20.04 15.41 -19.39
CA SER B 142 -20.56 15.52 -20.76
C SER B 142 -21.35 16.82 -21.02
N PHE B 143 -21.94 17.37 -19.97
CA PHE B 143 -22.71 18.61 -20.06
C PHE B 143 -21.83 19.86 -20.01
N LEU B 144 -20.58 19.67 -19.60
CA LEU B 144 -19.69 20.79 -19.35
C LEU B 144 -18.67 21.02 -20.46
N LEU B 145 -18.42 19.98 -21.27
CA LEU B 145 -17.36 20.05 -22.27
C LEU B 145 -17.87 20.54 -23.62
N ARG B 146 -17.27 21.64 -24.07
CA ARG B 146 -17.66 22.31 -25.31
C ARG B 146 -17.66 21.43 -26.57
N GLU B 147 -16.60 20.64 -26.76
CA GLU B 147 -16.45 19.81 -27.95
C GLU B 147 -17.51 18.70 -28.07
N LEU B 148 -18.21 18.40 -26.97
CA LEU B 148 -19.14 17.29 -26.97
C LEU B 148 -20.58 17.67 -27.25
N GLN B 149 -20.88 18.96 -27.33
CA GLN B 149 -22.27 19.41 -27.33
CA GLN B 149 -22.28 19.34 -27.30
C GLN B 149 -23.13 18.89 -28.50
N ASP B 150 -22.50 18.61 -29.63
CA ASP B 150 -23.24 18.11 -30.78
CA ASP B 150 -23.23 18.10 -30.78
C ASP B 150 -23.75 16.70 -30.52
N LYS B 151 -23.15 16.02 -29.53
CA LYS B 151 -23.49 14.64 -29.20
C LYS B 151 -24.23 14.50 -27.87
N VAL B 152 -24.52 15.62 -27.22
CA VAL B 152 -25.27 15.61 -25.98
C VAL B 152 -26.63 16.25 -26.22
N PRO B 153 -27.71 15.44 -26.18
CA PRO B 153 -29.05 15.99 -26.43
C PRO B 153 -29.54 16.86 -25.26
N GLN B 154 -30.58 17.65 -25.50
CA GLN B 154 -31.11 18.59 -24.52
C GLN B 154 -32.11 17.90 -23.57
N LEU B 155 -31.77 17.85 -22.28
CA LEU B 155 -32.62 17.25 -21.25
C LEU B 155 -33.52 18.31 -20.65
N PRO B 156 -34.74 17.91 -20.22
CA PRO B 156 -35.57 18.89 -19.52
C PRO B 156 -34.92 19.34 -18.20
N GLY B 157 -34.89 20.65 -17.97
CA GLY B 157 -34.25 21.22 -16.80
C GLY B 157 -32.79 21.60 -17.01
N PHE B 158 -32.26 21.30 -18.19
CA PHE B 158 -30.84 21.54 -18.51
C PHE B 158 -30.56 22.71 -19.47
N SER B 159 -31.60 23.41 -19.92
CA SER B 159 -31.41 24.38 -21.01
C SER B 159 -30.55 25.58 -20.60
N TRP B 160 -30.51 25.85 -19.29
CA TRP B 160 -29.73 26.96 -18.75
C TRP B 160 -28.23 26.68 -18.85
N ILE B 161 -27.87 25.41 -19.03
CA ILE B 161 -26.45 25.07 -19.04
C ILE B 161 -25.75 25.45 -20.35
N LYS B 162 -24.74 26.30 -20.25
CA LYS B 162 -23.82 26.65 -21.34
C LYS B 162 -22.42 26.04 -21.17
N PRO B 163 -22.12 24.95 -21.86
CA PRO B 163 -20.84 24.24 -21.75
C PRO B 163 -19.69 25.24 -21.79
N CYS B 164 -18.87 25.17 -20.76
CA CYS B 164 -18.00 26.22 -20.34
C CYS B 164 -16.53 25.93 -20.43
N ILE B 165 -16.19 24.74 -20.87
CA ILE B 165 -14.83 24.23 -20.74
C ILE B 165 -14.39 23.41 -21.95
N SER B 166 -13.15 23.61 -22.38
N SER B 166 -13.16 23.59 -22.38
CA SER B 166 -12.57 22.80 -23.45
CA SER B 166 -12.62 22.76 -23.45
C SER B 166 -12.07 21.47 -22.89
C SER B 166 -12.11 21.45 -22.88
N SER B 167 -12.01 20.45 -23.75
CA SER B 167 -11.55 19.13 -23.36
C SER B 167 -10.05 19.10 -23.01
N ALA B 168 -9.32 20.14 -23.39
CA ALA B 168 -7.92 20.23 -22.99
C ALA B 168 -7.80 20.83 -21.59
N SER B 169 -8.94 21.21 -21.00
CA SER B 169 -8.92 21.90 -19.71
C SER B 169 -9.34 21.04 -18.52
N ILE B 170 -9.47 19.74 -18.75
CA ILE B 170 -9.76 18.80 -17.67
C ILE B 170 -8.75 17.65 -17.67
N VAL B 171 -8.26 17.29 -16.49
CA VAL B 171 -7.37 16.14 -16.32
C VAL B 171 -7.95 15.23 -15.24
N TYR B 172 -8.04 13.94 -15.56
CA TYR B 172 -8.52 12.93 -14.63
C TYR B 172 -7.38 12.27 -13.88
N ILE B 173 -7.61 11.97 -12.61
CA ILE B 173 -6.65 11.19 -11.81
C ILE B 173 -7.37 10.08 -11.01
N GLY B 174 -6.95 8.85 -11.23
CA GLY B 174 -7.32 7.65 -10.54
C GLY B 174 -8.26 6.66 -11.21
N LEU B 175 -8.55 6.92 -12.47
CA LEU B 175 -9.50 6.13 -13.24
C LEU B 175 -9.22 4.64 -13.39
N ARG B 176 -10.15 3.82 -12.88
CA ARG B 176 -10.04 2.38 -13.05
C ARG B 176 -11.33 1.64 -13.43
N ASP B 177 -12.44 2.35 -13.59
CA ASP B 177 -13.71 1.73 -13.94
C ASP B 177 -14.38 2.63 -14.98
N VAL B 178 -14.05 2.38 -16.24
CA VAL B 178 -14.44 3.24 -17.34
C VAL B 178 -15.29 2.47 -18.36
N ASP B 179 -16.45 3.01 -18.69
CA ASP B 179 -17.33 2.37 -19.67
C ASP B 179 -16.71 2.53 -21.05
N PRO B 180 -16.91 1.54 -21.94
CA PRO B 180 -16.37 1.62 -23.30
C PRO B 180 -16.77 2.90 -24.07
N PRO B 181 -18.04 3.35 -23.97
CA PRO B 181 -18.26 4.62 -24.67
C PRO B 181 -17.48 5.80 -24.07
N GLU B 182 -17.18 5.76 -22.78
CA GLU B 182 -16.38 6.82 -22.17
C GLU B 182 -14.93 6.76 -22.61
N HIS B 183 -14.42 5.54 -22.71
CA HIS B 183 -13.07 5.34 -23.24
C HIS B 183 -12.99 5.92 -24.65
N PHE B 184 -14.01 5.64 -25.46
CA PHE B 184 -14.07 6.19 -26.80
C PHE B 184 -14.02 7.73 -26.75
N ILE B 185 -14.83 8.31 -25.88
CA ILE B 185 -14.92 9.77 -25.77
C ILE B 185 -13.59 10.39 -25.36
N LEU B 186 -12.95 9.81 -24.35
CA LEU B 186 -11.66 10.29 -23.87
C LEU B 186 -10.61 10.27 -25.00
N LYS B 187 -10.57 9.18 -25.77
CA LYS B 187 -9.59 9.07 -26.86
C LYS B 187 -9.95 9.97 -28.01
N ASN B 188 -11.22 9.99 -28.37
CA ASN B 188 -11.67 10.75 -29.52
C ASN B 188 -11.40 12.24 -29.36
N TYR B 189 -11.54 12.76 -28.14
CA TYR B 189 -11.32 14.18 -27.91
C TYR B 189 -9.96 14.49 -27.26
N ASP B 190 -9.11 13.47 -27.17
CA ASP B 190 -7.78 13.63 -26.59
C ASP B 190 -7.81 14.23 -25.18
N ILE B 191 -8.75 13.75 -24.37
CA ILE B 191 -8.84 14.18 -22.99
C ILE B 191 -7.78 13.46 -22.17
N GLN B 192 -6.99 14.23 -21.43
CA GLN B 192 -5.87 13.69 -20.71
C GLN B 192 -6.28 13.07 -19.37
N TYR B 193 -5.74 11.89 -19.07
CA TYR B 193 -6.03 11.24 -17.81
C TYR B 193 -4.88 10.41 -17.31
N PHE B 194 -4.83 10.26 -16.01
CA PHE B 194 -3.88 9.38 -15.37
C PHE B 194 -4.65 8.32 -14.61
N SER B 195 -4.70 7.13 -15.19
CA SER B 195 -5.40 6.01 -14.58
C SER B 195 -4.58 5.47 -13.42
N MET B 196 -5.16 4.56 -12.66
CA MET B 196 -4.39 3.89 -11.60
C MET B 196 -3.12 3.24 -12.18
N ARG B 197 -3.26 2.69 -13.39
CA ARG B 197 -2.13 2.12 -14.13
C ARG B 197 -1.00 3.15 -14.37
N ASP B 198 -1.37 4.35 -14.82
CA ASP B 198 -0.40 5.45 -14.99
C ASP B 198 0.22 5.84 -13.66
N ILE B 199 -0.56 5.79 -12.59
CA ILE B 199 0.03 6.07 -11.28
C ILE B 199 1.03 4.97 -10.87
N ASP B 200 0.68 3.72 -11.12
CA ASP B 200 1.59 2.59 -10.86
C ASP B 200 2.92 2.76 -11.59
N ARG B 201 2.87 3.32 -12.80
CA ARG B 201 4.06 3.47 -13.63
C ARG B 201 4.87 4.70 -13.26
N LEU B 202 4.20 5.86 -13.18
CA LEU B 202 4.87 7.14 -13.04
C LEU B 202 5.12 7.54 -11.59
N GLY B 203 4.27 7.08 -10.66
CA GLY B 203 4.27 7.62 -9.31
C GLY B 203 3.46 8.91 -9.23
N ILE B 204 2.85 9.16 -8.07
CA ILE B 204 1.96 10.30 -7.91
C ILE B 204 2.66 11.66 -8.09
N GLN B 205 3.95 11.75 -7.76
CA GLN B 205 4.67 13.02 -7.96
C GLN B 205 4.70 13.44 -9.44
N LYS B 206 5.09 12.52 -10.32
CA LYS B 206 5.12 12.84 -11.75
C LYS B 206 3.74 13.07 -12.34
N VAL B 207 2.74 12.36 -11.83
CA VAL B 207 1.37 12.56 -12.28
C VAL B 207 0.90 14.00 -12.02
N MET B 208 1.22 14.54 -10.86
CA MET B 208 0.83 15.91 -10.51
C MET B 208 1.62 16.93 -11.33
N GLU B 209 2.92 16.67 -11.51
CA GLU B 209 3.74 17.54 -12.34
C GLU B 209 3.16 17.65 -13.74
N ARG B 210 2.84 16.51 -14.34
CA ARG B 210 2.33 16.49 -15.69
C ARG B 210 0.92 17.04 -15.78
N THR B 211 0.13 16.82 -14.73
CA THR B 211 -1.21 17.38 -14.67
C THR B 211 -1.16 18.91 -14.73
N PHE B 212 -0.30 19.50 -13.91
CA PHE B 212 -0.18 20.95 -13.82
C PHE B 212 0.48 21.53 -15.06
N ASP B 213 1.46 20.82 -15.61
CA ASP B 213 2.06 21.22 -16.87
C ASP B 213 1.02 21.30 -18.00
N LEU B 214 0.16 20.29 -18.11
CA LEU B 214 -0.92 20.32 -19.10
C LEU B 214 -1.89 21.51 -18.92
N LEU B 215 -2.19 21.85 -17.67
CA LEU B 215 -3.27 22.81 -17.40
C LEU B 215 -2.82 24.26 -17.19
N ILE B 216 -1.72 24.43 -16.46
CA ILE B 216 -1.28 25.74 -16.04
C ILE B 216 0.18 25.92 -16.39
N GLY B 217 0.68 25.12 -17.33
CA GLY B 217 2.08 25.20 -17.68
C GLY B 217 2.39 26.51 -18.38
N LYS B 218 1.40 27.04 -19.09
CA LYS B 218 1.62 28.27 -19.84
C LYS B 218 1.02 29.54 -19.22
N ARG B 219 -0.01 29.38 -18.38
CA ARG B 219 -0.65 30.51 -17.73
C ARG B 219 -1.32 30.08 -16.42
N GLN B 220 -1.44 31.02 -15.48
CA GLN B 220 -2.14 30.80 -14.22
C GLN B 220 -3.64 30.76 -14.46
N ARG B 221 -4.31 29.78 -13.88
CA ARG B 221 -5.75 29.62 -14.04
C ARG B 221 -6.36 29.17 -12.72
N PRO B 222 -7.56 29.64 -12.41
CA PRO B 222 -8.23 29.16 -11.20
C PRO B 222 -8.50 27.67 -11.33
N ILE B 223 -8.24 26.92 -10.27
CA ILE B 223 -8.38 25.47 -10.33
C ILE B 223 -9.68 25.01 -9.68
N HIS B 224 -10.41 24.14 -10.38
CA HIS B 224 -11.54 23.46 -9.79
C HIS B 224 -11.17 22.00 -9.50
N LEU B 225 -11.13 21.64 -8.22
CA LEU B 225 -10.86 20.26 -7.82
C LEU B 225 -12.17 19.52 -7.54
N SER B 226 -12.54 18.60 -8.42
CA SER B 226 -13.73 17.80 -8.20
C SER B 226 -13.27 16.42 -7.74
N PHE B 227 -13.43 16.16 -6.44
CA PHE B 227 -12.86 14.98 -5.81
C PHE B 227 -13.98 14.02 -5.40
N ASP B 228 -14.07 12.90 -6.11
CA ASP B 228 -15.01 11.83 -5.76
C ASP B 228 -14.32 10.94 -4.74
N ILE B 229 -14.93 10.76 -3.58
CA ILE B 229 -14.31 9.98 -2.51
C ILE B 229 -13.99 8.55 -2.99
N ASP B 230 -14.72 8.04 -3.99
CA ASP B 230 -14.43 6.69 -4.48
C ASP B 230 -13.12 6.58 -5.29
N ALA B 231 -12.40 7.69 -5.43
CA ALA B 231 -11.04 7.61 -5.96
C ALA B 231 -10.16 6.77 -5.03
N PHE B 232 -10.41 6.88 -3.73
CA PHE B 232 -9.68 6.10 -2.72
C PHE B 232 -10.10 4.64 -2.78
N ASP B 233 -9.15 3.76 -2.45
CA ASP B 233 -9.47 2.35 -2.29
C ASP B 233 -10.61 2.15 -1.31
N PRO B 234 -11.54 1.25 -1.63
CA PRO B 234 -12.68 0.95 -0.75
C PRO B 234 -12.28 0.53 0.68
N THR B 235 -11.09 0.01 0.90
CA THR B 235 -10.65 -0.25 2.27
C THR B 235 -10.50 1.05 3.07
N LEU B 236 -10.22 2.16 2.37
CA LEU B 236 -10.04 3.44 3.05
C LEU B 236 -11.31 4.26 3.03
N ALA B 237 -12.10 4.13 1.94
CA ALA B 237 -13.34 4.89 1.82
C ALA B 237 -14.51 3.98 1.46
N PRO B 238 -14.94 3.12 2.40
CA PRO B 238 -15.99 2.15 2.04
C PRO B 238 -17.38 2.78 1.88
N ALA B 239 -17.64 3.89 2.56
CA ALA B 239 -19.00 4.44 2.59
C ALA B 239 -19.29 5.27 1.34
N THR B 240 -19.54 4.57 0.23
CA THR B 240 -19.70 5.23 -1.05
C THR B 240 -20.45 4.27 -1.97
N GLY B 241 -21.17 4.82 -2.95
CA GLY B 241 -22.10 4.05 -3.75
C GLY B 241 -21.55 3.10 -4.82
N THR B 242 -20.42 3.46 -5.41
N THR B 242 -20.51 3.44 -5.40
CA THR B 242 -19.80 2.61 -6.44
CA THR B 242 -19.90 2.59 -6.43
C THR B 242 -18.32 2.38 -6.16
C THR B 242 -18.41 2.36 -6.15
N PRO B 243 -18.01 1.62 -5.09
CA PRO B 243 -16.60 1.38 -4.77
C PRO B 243 -15.96 0.48 -5.82
N VAL B 244 -14.68 0.72 -6.14
CA VAL B 244 -13.92 -0.13 -7.07
C VAL B 244 -12.56 -0.45 -6.47
N VAL B 245 -12.24 -1.75 -6.34
CA VAL B 245 -10.96 -2.15 -5.74
C VAL B 245 -9.76 -1.54 -6.47
N GLY B 246 -8.66 -1.34 -5.74
CA GLY B 246 -7.42 -0.89 -6.35
C GLY B 246 -7.29 0.61 -6.52
N GLY B 247 -7.72 1.37 -5.51
CA GLY B 247 -7.77 2.81 -5.61
C GLY B 247 -6.53 3.51 -5.07
N LEU B 248 -6.61 4.84 -4.96
CA LEU B 248 -5.53 5.62 -4.34
C LEU B 248 -5.28 5.16 -2.90
N THR B 249 -4.01 5.19 -2.48
CA THR B 249 -3.69 5.04 -1.06
C THR B 249 -3.98 6.37 -0.36
N TYR B 250 -3.98 6.33 0.97
CA TYR B 250 -4.12 7.53 1.77
C TYR B 250 -3.05 8.57 1.42
N ARG B 251 -1.81 8.11 1.38
CA ARG B 251 -0.69 8.99 1.09
C ARG B 251 -0.82 9.61 -0.31
N GLU B 252 -1.27 8.83 -1.29
CA GLU B 252 -1.46 9.37 -2.64
C GLU B 252 -2.52 10.47 -2.67
N GLY B 253 -3.64 10.24 -1.99
CA GLY B 253 -4.69 11.25 -1.89
C GLY B 253 -4.21 12.54 -1.22
N MET B 254 -3.46 12.41 -0.13
CA MET B 254 -2.88 13.58 0.52
C MET B 254 -1.91 14.31 -0.42
N TYR B 255 -1.09 13.56 -1.13
CA TYR B 255 -0.10 14.16 -2.00
C TYR B 255 -0.78 14.99 -3.10
N ILE B 256 -1.83 14.43 -3.68
CA ILE B 256 -2.63 15.16 -4.65
C ILE B 256 -3.12 16.48 -4.09
N ALA B 257 -3.75 16.40 -2.92
CA ALA B 257 -4.30 17.59 -2.30
C ALA B 257 -3.20 18.59 -1.95
N GLU B 258 -2.08 18.09 -1.44
CA GLU B 258 -0.93 18.95 -1.13
C GLU B 258 -0.44 19.74 -2.36
N GLU B 259 -0.38 19.07 -3.51
CA GLU B 259 0.08 19.71 -4.74
C GLU B 259 -0.94 20.72 -5.26
N ILE B 260 -2.22 20.38 -5.13
CA ILE B 260 -3.30 21.32 -5.42
C ILE B 260 -3.08 22.61 -4.62
N HIS B 261 -2.86 22.48 -3.31
CA HIS B 261 -2.60 23.63 -2.47
C HIS B 261 -1.36 24.43 -2.88
N ASN B 262 -0.29 23.71 -3.24
CA ASN B 262 0.98 24.34 -3.56
C ASN B 262 0.97 25.21 -4.81
N THR B 263 -0.01 24.99 -5.70
CA THR B 263 -0.14 25.85 -6.88
C THR B 263 -0.57 27.25 -6.50
N GLY B 264 -1.23 27.37 -5.35
CA GLY B 264 -1.81 28.63 -4.92
C GLY B 264 -3.05 29.00 -5.69
N LEU B 265 -3.54 28.09 -6.53
CA LEU B 265 -4.61 28.42 -7.47
C LEU B 265 -6.00 27.81 -7.20
N LEU B 266 -6.13 27.03 -6.13
CA LEU B 266 -7.42 26.40 -5.84
C LEU B 266 -8.52 27.43 -5.62
N SER B 267 -9.58 27.35 -6.40
CA SER B 267 -10.65 28.34 -6.37
C SER B 267 -11.98 27.68 -5.97
N ALA B 268 -12.12 26.39 -6.27
CA ALA B 268 -13.29 25.62 -5.81
C ALA B 268 -12.96 24.13 -5.67
N LEU B 269 -13.63 23.50 -4.70
CA LEU B 269 -13.41 22.11 -4.42
C LEU B 269 -14.77 21.44 -4.18
N ASP B 270 -15.03 20.33 -4.87
CA ASP B 270 -16.17 19.48 -4.57
C ASP B 270 -15.66 18.24 -3.85
N LEU B 271 -16.33 17.83 -2.82
CA LEU B 271 -16.06 16.59 -2.16
C LEU B 271 -17.35 15.74 -2.14
N VAL B 272 -17.48 14.78 -3.01
CA VAL B 272 -18.76 14.15 -3.27
C VAL B 272 -18.74 12.63 -3.05
N GLU B 273 -19.95 12.07 -2.96
CA GLU B 273 -20.22 10.63 -2.95
C GLU B 273 -19.96 9.91 -1.62
N VAL B 274 -19.70 10.69 -0.57
CA VAL B 274 -19.71 10.11 0.78
C VAL B 274 -21.15 9.77 1.17
N ASN B 275 -21.41 8.47 1.39
CA ASN B 275 -22.75 7.99 1.75
C ASN B 275 -22.62 7.16 3.01
N PRO B 276 -22.88 7.79 4.16
CA PRO B 276 -22.67 7.16 5.47
C PRO B 276 -23.52 5.90 5.66
N GLN B 277 -24.69 5.84 5.01
CA GLN B 277 -25.58 4.69 5.15
C GLN B 277 -25.06 3.43 4.47
N LEU B 278 -24.04 3.54 3.61
CA LEU B 278 -23.54 2.35 2.92
C LEU B 278 -22.40 1.68 3.66
N ALA B 279 -21.96 2.29 4.76
CA ALA B 279 -20.99 1.67 5.64
C ALA B 279 -21.65 0.51 6.41
N THR B 280 -20.91 -0.56 6.65
CA THR B 280 -21.43 -1.70 7.43
C THR B 280 -21.38 -1.44 8.93
N SER B 281 -20.67 -0.38 9.32
CA SER B 281 -20.59 0.03 10.71
C SER B 281 -20.37 1.54 10.78
N GLU B 282 -20.56 2.12 11.94
CA GLU B 282 -20.34 3.52 12.08
C GLU B 282 -18.86 3.86 12.06
N GLU B 283 -17.98 2.94 12.41
CA GLU B 283 -16.56 3.20 12.26
C GLU B 283 -16.23 3.38 10.77
N GLU B 284 -16.73 2.48 9.93
CA GLU B 284 -16.54 2.62 8.50
C GLU B 284 -17.11 3.93 7.95
N ALA B 285 -18.24 4.38 8.51
CA ALA B 285 -18.83 5.65 8.08
C ALA B 285 -17.93 6.80 8.51
N LYS B 286 -17.51 6.75 9.77
CA LYS B 286 -16.69 7.83 10.29
C LYS B 286 -15.32 7.87 9.61
N THR B 287 -14.72 6.71 9.32
CA THR B 287 -13.40 6.72 8.70
CA THR B 287 -13.40 6.75 8.70
C THR B 287 -13.48 7.41 7.32
N THR B 288 -14.59 7.16 6.62
CA THR B 288 -14.82 7.77 5.29
C THR B 288 -14.97 9.31 5.40
N ALA B 289 -15.79 9.76 6.35
CA ALA B 289 -15.99 11.19 6.54
C ALA B 289 -14.71 11.85 7.04
N ASN B 290 -13.97 11.16 7.91
CA ASN B 290 -12.69 11.67 8.36
C ASN B 290 -11.70 11.87 7.22
N LEU B 291 -11.72 10.93 6.27
CA LEU B 291 -10.84 10.98 5.11
C LEU B 291 -11.23 12.17 4.25
N ALA B 292 -12.53 12.39 4.11
CA ALA B 292 -13.01 13.54 3.36
C ALA B 292 -12.46 14.86 3.94
N VAL B 293 -12.46 14.98 5.25
CA VAL B 293 -11.94 16.18 5.91
C VAL B 293 -10.45 16.34 5.64
N ASP B 294 -9.70 15.24 5.74
CA ASP B 294 -8.27 15.24 5.44
C ASP B 294 -7.97 15.78 4.02
N VAL B 295 -8.76 15.38 3.03
CA VAL B 295 -8.55 15.84 1.66
C VAL B 295 -8.77 17.36 1.57
N ILE B 296 -9.88 17.82 2.12
CA ILE B 296 -10.24 19.22 2.05
C ILE B 296 -9.19 20.06 2.79
N ALA B 297 -8.84 19.65 4.00
CA ALA B 297 -7.86 20.39 4.80
C ALA B 297 -6.50 20.42 4.10
N SER B 298 -6.09 19.28 3.56
CA SER B 298 -4.82 19.22 2.83
CA SER B 298 -4.82 19.23 2.84
C SER B 298 -4.85 20.14 1.62
N SER B 299 -6.02 20.19 0.97
CA SER B 299 -6.20 21.04 -0.21
C SER B 299 -6.10 22.52 0.12
N PHE B 300 -6.33 22.87 1.39
CA PHE B 300 -6.21 24.25 1.83
C PHE B 300 -5.03 24.52 2.75
N GLY B 301 -4.05 23.61 2.73
CA GLY B 301 -2.75 23.91 3.29
C GLY B 301 -2.27 23.05 4.43
N GLN B 302 -3.06 22.10 4.88
CA GLN B 302 -2.58 21.21 5.92
C GLN B 302 -1.46 20.36 5.37
N THR B 303 -0.35 20.30 6.09
CA THR B 303 0.82 19.55 5.66
C THR B 303 1.09 18.38 6.59
N ARG B 304 1.98 17.50 6.17
CA ARG B 304 2.42 16.41 7.00
C ARG B 304 3.78 16.71 7.63
N GLU B 305 4.18 17.96 7.68
CA GLU B 305 5.46 18.30 8.30
C GLU B 305 5.42 19.46 9.29
N GLY B 306 4.23 19.98 9.54
CA GLY B 306 4.08 21.03 10.52
C GLY B 306 4.48 22.43 10.03
N HIS C 1 29.36 -12.14 15.30
CA HIS C 1 29.01 -10.80 15.75
C HIS C 1 28.25 -10.91 17.08
N SER C 2 28.43 -9.93 17.96
CA SER C 2 27.77 -9.96 19.26
C SER C 2 26.68 -8.88 19.47
N VAL C 3 25.52 -9.32 19.96
CA VAL C 3 24.39 -8.44 20.19
C VAL C 3 23.94 -8.55 21.64
N ALA C 4 23.85 -7.40 22.31
CA ALA C 4 23.29 -7.32 23.65
C ALA C 4 21.83 -6.88 23.55
N VAL C 5 20.98 -7.55 24.33
CA VAL C 5 19.57 -7.21 24.37
C VAL C 5 19.24 -6.65 25.75
N ILE C 6 18.73 -5.43 25.78
CA ILE C 6 18.44 -4.77 27.03
C ILE C 6 16.97 -4.39 27.05
N GLY C 7 16.24 -4.90 28.04
CA GLY C 7 14.87 -4.51 28.22
C GLY C 7 14.81 -3.23 29.04
N ALA C 8 14.14 -2.22 28.51
CA ALA C 8 14.00 -0.96 29.26
C ALA C 8 12.53 -0.59 29.42
N PRO C 9 11.87 -1.15 30.45
CA PRO C 9 10.43 -0.88 30.65
C PRO C 9 10.11 0.52 31.19
N PHE C 10 10.28 1.47 30.31
CA PHE C 10 10.14 2.97 30.54
CA PHE C 10 10.00 2.67 30.97
C PHE C 10 8.69 3.13 30.41
N SER C 11 8.03 3.91 31.23
CA SER C 11 6.75 4.42 30.75
C SER C 11 6.44 5.78 31.36
N GLN C 12 7.42 6.35 32.04
CA GLN C 12 7.25 7.66 32.67
C GLN C 12 7.58 8.83 31.77
N GLY C 13 8.06 8.54 30.56
CA GLY C 13 8.25 9.54 29.53
C GLY C 13 6.94 9.97 28.89
N GLN C 14 5.84 9.35 29.28
CA GLN C 14 4.52 9.71 28.76
C GLN C 14 3.44 9.26 29.75
N LYS C 15 2.18 9.33 29.34
CA LYS C 15 1.09 9.18 30.32
C LYS C 15 0.24 7.90 30.18
N ARG C 16 0.41 7.17 29.08
CA ARG C 16 -0.42 5.99 28.83
C ARG C 16 0.19 4.73 29.46
N LYS C 17 -0.59 4.01 30.25
CA LYS C 17 -0.10 2.80 30.90
C LYS C 17 0.09 1.67 29.92
N GLY C 18 1.16 0.89 30.12
CA GLY C 18 1.29 -0.37 29.42
C GLY C 18 2.51 -0.49 28.52
N VAL C 19 3.10 0.63 28.13
CA VAL C 19 4.27 0.60 27.27
C VAL C 19 5.44 -0.08 28.00
N GLU C 20 5.39 -0.10 29.33
CA GLU C 20 6.42 -0.79 30.11
C GLU C 20 6.38 -2.30 29.85
N HIS C 21 5.30 -2.79 29.26
CA HIS C 21 5.22 -4.21 28.90
C HIS C 21 5.70 -4.48 27.47
N GLY C 22 6.14 -3.45 26.77
CA GLY C 22 6.71 -3.61 25.45
C GLY C 22 7.83 -4.63 25.30
N PRO C 23 8.83 -4.59 26.20
CA PRO C 23 9.93 -5.55 26.06
C PRO C 23 9.50 -7.02 26.16
N ALA C 24 8.63 -7.36 27.11
CA ALA C 24 8.17 -8.76 27.24
C ALA C 24 7.40 -9.22 26.01
N ALA C 25 6.56 -8.34 25.46
CA ALA C 25 5.81 -8.68 24.25
C ALA C 25 6.74 -8.95 23.07
N ILE C 26 7.79 -8.15 22.94
CA ILE C 26 8.75 -8.35 21.85
C ILE C 26 9.51 -9.67 22.05
N ARG C 27 9.94 -9.93 23.27
CA ARG C 27 10.59 -11.21 23.58
C ARG C 27 9.65 -12.37 23.30
N GLU C 28 8.40 -12.24 23.74
CA GLU C 28 7.42 -13.30 23.54
C GLU C 28 7.13 -13.55 22.06
N ALA C 29 7.28 -12.51 21.23
CA ALA C 29 7.13 -12.66 19.77
C ALA C 29 8.32 -13.35 19.12
N GLY C 30 9.25 -13.83 19.93
CA GLY C 30 10.32 -14.67 19.44
C GLY C 30 11.63 -13.99 19.09
N LEU C 31 11.91 -12.82 19.68
CA LEU C 31 13.12 -12.04 19.31
C LEU C 31 14.43 -12.84 19.40
N MET C 32 14.69 -13.48 20.54
CA MET C 32 15.98 -14.12 20.75
C MET C 32 16.30 -15.22 19.73
N LYS C 33 15.33 -16.09 19.46
CA LYS C 33 15.53 -17.15 18.48
CA LYS C 33 15.54 -17.15 18.47
C LYS C 33 15.81 -16.59 17.08
N ARG C 34 15.03 -15.60 16.67
CA ARG C 34 15.25 -14.91 15.39
C ARG C 34 16.68 -14.34 15.31
N LEU C 35 17.14 -13.73 16.40
CA LEU C 35 18.49 -13.19 16.41
C LEU C 35 19.54 -14.29 16.38
N SER C 36 19.33 -15.34 17.17
CA SER C 36 20.25 -16.50 17.17
CA SER C 36 20.24 -16.49 17.17
C SER C 36 20.40 -17.06 15.77
N SER C 37 19.27 -17.22 15.08
CA SER C 37 19.21 -17.81 13.74
C SER C 37 20.06 -17.09 12.72
N LEU C 38 20.28 -15.80 12.94
CA LEU C 38 21.10 -15.00 12.02
C LEU C 38 22.57 -15.17 12.32
N GLY C 39 22.87 -15.87 13.41
CA GLY C 39 24.25 -16.08 13.80
C GLY C 39 24.72 -15.11 14.89
N CYS C 40 23.79 -14.30 15.39
CA CYS C 40 24.10 -13.40 16.51
C CYS C 40 24.42 -14.18 17.77
N HIS C 41 25.63 -13.93 18.31
CA HIS C 41 25.96 -14.32 19.68
C HIS C 41 25.30 -13.34 20.63
N LEU C 42 24.50 -13.86 21.55
CA LEU C 42 23.63 -13.02 22.36
C LEU C 42 23.98 -12.95 23.83
N LYS C 43 23.90 -11.73 24.36
CA LYS C 43 23.92 -11.49 25.78
C LYS C 43 22.60 -10.83 26.14
N ASP C 44 21.83 -11.49 26.98
CA ASP C 44 20.57 -10.94 27.42
C ASP C 44 20.72 -10.32 28.81
N PHE C 45 20.52 -9.01 28.89
CA PHE C 45 20.60 -8.30 30.16
C PHE C 45 19.28 -8.35 30.88
N GLY C 46 18.29 -8.99 30.28
CA GLY C 46 16.97 -9.02 30.87
C GLY C 46 16.32 -7.66 30.85
N ASP C 47 15.27 -7.49 31.65
CA ASP C 47 14.65 -6.19 31.82
C ASP C 47 15.22 -5.48 33.03
N LEU C 48 15.76 -4.29 32.80
CA LEU C 48 16.33 -3.49 33.87
C LEU C 48 15.24 -3.05 34.84
N SER C 49 15.62 -2.90 36.11
CA SER C 49 14.75 -2.26 37.10
C SER C 49 15.33 -0.89 37.41
N PHE C 50 14.59 0.16 37.06
CA PHE C 50 15.13 1.50 37.25
C PHE C 50 14.79 2.01 38.64
N THR C 51 15.75 2.72 39.23
CA THR C 51 15.60 3.21 40.58
C THR C 51 14.56 4.31 40.59
N PRO C 52 13.53 4.15 41.42
CA PRO C 52 12.48 5.17 41.50
C PRO C 52 12.96 6.41 42.24
N VAL C 53 12.33 7.54 41.97
CA VAL C 53 12.58 8.79 42.66
C VAL C 53 11.32 9.24 43.39
N PRO C 54 11.40 9.38 44.72
CA PRO C 54 10.24 9.79 45.54
C PRO C 54 9.88 11.25 45.26
N LYS C 55 8.60 11.59 45.37
CA LYS C 55 8.15 12.97 45.29
C LYS C 55 8.64 13.64 44.01
N ASP C 56 8.57 12.91 42.91
CA ASP C 56 9.05 13.41 41.64
C ASP C 56 7.98 14.31 41.02
N ASP C 57 7.82 15.50 41.59
CA ASP C 57 6.77 16.45 41.19
C ASP C 57 6.98 16.98 39.78
N LEU C 58 5.90 17.47 39.16
CA LEU C 58 5.99 18.15 37.87
C LEU C 58 7.09 19.20 37.87
N TYR C 59 7.79 19.31 36.76
CA TYR C 59 8.70 20.44 36.56
C TYR C 59 7.94 21.56 35.85
N ASN C 60 8.03 22.75 36.41
CA ASN C 60 7.38 23.94 35.94
C ASN C 60 5.87 23.77 35.66
N ASN C 61 5.21 23.11 36.59
CA ASN C 61 3.83 22.72 36.42
C ASN C 61 3.41 22.03 35.07
N LEU C 62 4.36 21.47 34.33
CA LEU C 62 4.01 20.79 33.08
C LEU C 62 4.72 19.48 32.76
N ILE C 63 6.04 19.44 32.96
CA ILE C 63 6.86 18.31 32.55
C ILE C 63 6.72 17.17 33.55
N VAL C 64 6.27 16.01 33.07
CA VAL C 64 5.98 14.89 33.96
C VAL C 64 7.17 14.01 34.26
N ASN C 65 7.24 13.53 35.50
CA ASN C 65 8.26 12.55 35.93
C ASN C 65 9.73 12.86 35.56
N PRO C 66 10.18 14.12 35.74
CA PRO C 66 11.52 14.44 35.21
C PRO C 66 12.67 13.69 35.87
N ARG C 67 12.68 13.60 37.19
CA ARG C 67 13.79 12.96 37.87
C ARG C 67 13.79 11.46 37.59
N SER C 68 12.59 10.89 37.50
CA SER C 68 12.45 9.47 37.22
C SER C 68 13.02 9.18 35.84
N VAL C 69 12.65 9.99 34.87
CA VAL C 69 13.17 9.85 33.50
C VAL C 69 14.66 10.17 33.44
N GLY C 70 15.09 11.17 34.20
CA GLY C 70 16.50 11.52 34.25
C GLY C 70 17.35 10.40 34.80
N LEU C 71 16.93 9.84 35.93
CA LEU C 71 17.70 8.79 36.61
C LEU C 71 17.69 7.47 35.85
N ALA C 72 16.52 7.10 35.33
CA ALA C 72 16.41 5.88 34.54
C ALA C 72 17.33 5.96 33.31
N ASN C 73 17.35 7.11 32.65
CA ASN C 73 18.25 7.29 31.51
C ASN C 73 19.74 7.25 31.88
N GLN C 74 20.09 7.78 33.05
CA GLN C 74 21.47 7.70 33.53
C GLN C 74 21.89 6.24 33.71
N GLU C 75 21.03 5.47 34.37
CA GLU C 75 21.27 4.05 34.62
C GLU C 75 21.30 3.25 33.32
N LEU C 76 20.40 3.56 32.39
CA LEU C 76 20.39 2.91 31.08
C LEU C 76 21.68 3.22 30.31
N ALA C 77 22.07 4.49 30.31
CA ALA C 77 23.28 4.94 29.63
C ALA C 77 24.53 4.18 30.10
N GLU C 78 24.59 3.91 31.40
CA GLU C 78 25.72 3.17 31.96
C GLU C 78 25.76 1.75 31.39
N VAL C 79 24.59 1.10 31.34
CA VAL C 79 24.50 -0.25 30.80
C VAL C 79 24.84 -0.31 29.31
N VAL C 80 24.37 0.67 28.55
CA VAL C 80 24.65 0.70 27.12
C VAL C 80 26.16 0.92 26.86
N SER C 81 26.72 1.89 27.57
CA SER C 81 28.15 2.19 27.50
C SER C 81 29.00 0.96 27.78
N ARG C 82 28.66 0.25 28.84
CA ARG C 82 29.41 -0.94 29.25
C ARG C 82 29.35 -2.01 28.16
N ALA C 83 28.15 -2.23 27.62
CA ALA C 83 27.93 -3.24 26.59
C ALA C 83 28.66 -2.91 25.30
N VAL C 84 28.63 -1.64 24.90
CA VAL C 84 29.32 -1.22 23.68
C VAL C 84 30.83 -1.34 23.86
N SER C 85 31.32 -0.92 25.02
CA SER C 85 32.75 -0.99 25.27
C SER C 85 33.23 -2.44 25.30
N ASP C 86 32.34 -3.35 25.71
CA ASP C 86 32.68 -4.78 25.73
C ASP C 86 32.44 -5.47 24.39
N GLY C 87 32.18 -4.70 23.34
CA GLY C 87 32.06 -5.22 21.99
C GLY C 87 30.67 -5.64 21.50
N TYR C 88 29.62 -5.32 22.23
CA TYR C 88 28.28 -5.67 21.76
C TYR C 88 27.62 -4.59 20.91
N SER C 89 26.98 -5.00 19.83
CA SER C 89 25.94 -4.17 19.21
C SER C 89 24.78 -4.21 20.21
N CYS C 90 24.17 -3.07 20.44
CA CYS C 90 23.19 -2.95 21.50
CA CYS C 90 23.16 -2.95 21.51
C CYS C 90 21.74 -2.78 21.01
N VAL C 91 20.89 -3.75 21.32
CA VAL C 91 19.45 -3.64 21.08
C VAL C 91 18.73 -3.28 22.38
N THR C 92 18.08 -2.12 22.39
CA THR C 92 17.30 -1.72 23.57
C THR C 92 15.80 -1.75 23.26
N LEU C 93 15.07 -2.51 24.06
CA LEU C 93 13.65 -2.66 23.86
C LEU C 93 12.91 -1.75 24.83
N GLY C 94 12.01 -0.94 24.30
CA GLY C 94 11.22 -0.03 25.11
C GLY C 94 9.83 -0.58 25.33
N GLY C 95 9.02 0.14 26.12
CA GLY C 95 9.41 1.40 26.71
C GLY C 95 9.21 2.59 25.80
N ASP C 96 8.96 3.76 26.38
CA ASP C 96 8.69 4.96 25.60
C ASP C 96 9.98 5.56 25.07
N HIS C 97 9.86 6.47 24.12
CA HIS C 97 11.03 6.98 23.39
C HIS C 97 11.98 7.88 24.22
N SER C 98 11.60 8.26 25.44
CA SER C 98 12.50 9.07 26.28
C SER C 98 13.79 8.33 26.66
N LEU C 99 13.76 7.01 26.55
CA LEU C 99 14.93 6.22 26.87
C LEU C 99 16.06 6.34 25.82
N ALA C 100 15.76 6.95 24.68
CA ALA C 100 16.78 7.25 23.67
C ALA C 100 17.79 8.26 24.24
N ILE C 101 17.35 9.07 25.19
CA ILE C 101 18.29 9.96 25.87
C ILE C 101 19.40 9.10 26.46
N GLY C 102 19.01 8.01 27.11
CA GLY C 102 19.96 7.09 27.71
C GLY C 102 20.77 6.24 26.75
N THR C 103 20.13 5.66 25.74
CA THR C 103 20.86 4.76 24.85
C THR C 103 21.82 5.54 23.98
N ILE C 104 21.40 6.71 23.51
CA ILE C 104 22.27 7.53 22.69
C ILE C 104 23.44 8.13 23.50
N SER C 105 23.17 8.58 24.73
CA SER C 105 24.24 9.08 25.61
C SER C 105 25.26 7.98 25.92
N GLY C 106 24.77 6.78 26.26
CA GLY C 106 25.67 5.69 26.56
C GLY C 106 26.52 5.28 25.37
N HIS C 107 25.88 5.21 24.20
CA HIS C 107 26.52 4.84 22.95
C HIS C 107 27.60 5.84 22.54
N ALA C 108 27.29 7.14 22.68
CA ALA C 108 28.19 8.19 22.27
C ALA C 108 29.39 8.36 23.20
N ARG C 109 29.26 7.86 24.42
CA ARG C 109 30.31 7.97 25.42
C ARG C 109 31.64 7.44 24.90
N HIS C 110 31.63 6.30 24.22
CA HIS C 110 32.87 5.77 23.67
C HIS C 110 32.92 5.67 22.14
N CYS C 111 31.83 6.05 21.48
CA CYS C 111 31.81 6.20 20.03
C CYS C 111 31.27 7.59 19.71
N PRO C 112 32.11 8.62 19.92
CA PRO C 112 31.65 10.03 19.81
C PRO C 112 31.33 10.50 18.38
N ASP C 113 31.82 9.81 17.35
CA ASP C 113 31.48 10.21 15.99
C ASP C 113 30.25 9.44 15.49
N LEU C 114 29.46 8.90 16.42
CA LEU C 114 28.26 8.16 15.98
C LEU C 114 27.27 9.08 15.26
N CYS C 115 26.47 8.49 14.41
CA CYS C 115 25.39 9.23 13.79
C CYS C 115 24.07 8.52 14.10
N VAL C 116 22.97 9.23 13.90
CA VAL C 116 21.66 8.77 14.33
C VAL C 116 20.66 8.75 13.18
N VAL C 117 20.01 7.60 13.00
CA VAL C 117 18.86 7.50 12.12
C VAL C 117 17.61 7.32 12.99
N TRP C 118 16.72 8.30 12.93
CA TRP C 118 15.55 8.40 13.80
C TRP C 118 14.32 8.12 12.94
N VAL C 119 13.77 6.91 13.07
CA VAL C 119 12.63 6.49 12.25
C VAL C 119 11.37 6.60 13.10
N ASP C 120 10.45 7.46 12.67
CA ASP C 120 9.42 7.95 13.57
C ASP C 120 8.39 8.79 12.81
N ALA C 121 7.13 8.73 13.26
CA ALA C 121 6.09 9.62 12.75
C ALA C 121 6.31 11.05 13.26
N HIS C 122 7.09 11.16 14.32
CA HIS C 122 7.30 12.39 15.08
C HIS C 122 8.77 12.79 15.15
N ALA C 123 9.01 14.08 15.39
CA ALA C 123 10.37 14.60 15.43
C ALA C 123 11.02 14.45 16.82
N ASP C 124 10.20 14.35 17.86
CA ASP C 124 10.67 14.15 19.22
C ASP C 124 11.71 15.20 19.65
N ILE C 125 11.51 16.43 19.19
CA ILE C 125 12.52 17.47 19.36
C ILE C 125 11.96 18.74 20.04
N ASN C 126 10.78 18.62 20.67
CA ASN C 126 10.33 19.69 21.55
C ASN C 126 11.32 19.84 22.68
N THR C 127 11.39 21.05 23.25
CA THR C 127 12.20 21.29 24.44
C THR C 127 11.22 21.45 25.62
N PRO C 128 11.74 21.53 26.85
CA PRO C 128 10.85 21.85 27.97
C PRO C 128 10.10 23.17 27.78
N LEU C 129 10.60 24.04 26.91
CA LEU C 129 9.96 25.32 26.66
C LEU C 129 8.95 25.30 25.51
N THR C 130 8.95 24.24 24.70
CA THR C 130 8.01 24.19 23.58
C THR C 130 6.95 23.09 23.67
N THR C 131 7.21 22.07 24.48
CA THR C 131 6.25 20.96 24.61
C THR C 131 4.89 21.43 25.07
N SER C 132 3.85 20.89 24.46
CA SER C 132 2.48 21.22 24.85
C SER C 132 1.87 20.12 25.70
N SER C 133 2.61 19.02 25.86
CA SER C 133 2.10 17.85 26.56
C SER C 133 2.81 17.65 27.88
N GLY C 134 4.07 18.09 27.95
CA GLY C 134 4.88 17.85 29.13
C GLY C 134 5.49 16.46 29.12
N ASN C 135 5.24 15.70 28.06
CA ASN C 135 5.73 14.32 28.00
C ASN C 135 7.12 14.24 27.40
N LEU C 136 8.06 13.73 28.19
CA LEU C 136 9.47 13.71 27.79
C LEU C 136 9.78 12.84 26.57
N HIS C 137 8.91 11.87 26.28
CA HIS C 137 9.11 11.02 25.11
C HIS C 137 9.02 11.80 23.80
N GLY C 138 8.50 13.04 23.87
CA GLY C 138 8.39 13.91 22.71
C GLY C 138 9.46 15.01 22.73
N GLN C 139 10.41 14.86 23.64
CA GLN C 139 11.52 15.80 23.76
C GLN C 139 12.95 15.24 23.69
N PRO C 140 13.13 13.91 23.44
CA PRO C 140 14.50 13.43 23.73
C PRO C 140 15.60 14.03 22.87
N VAL C 141 15.32 14.35 21.61
CA VAL C 141 16.36 14.83 20.71
C VAL C 141 16.92 16.17 21.18
N SER C 142 16.08 16.99 21.83
CA SER C 142 16.49 18.32 22.26
C SER C 142 17.60 18.29 23.31
N PHE C 143 17.64 17.23 24.10
CA PHE C 143 18.68 17.08 25.13
C PHE C 143 19.98 16.53 24.55
N LEU C 144 19.93 16.06 23.32
CA LEU C 144 21.06 15.36 22.71
C LEU C 144 21.85 16.21 21.70
N LEU C 145 21.21 17.24 21.15
CA LEU C 145 21.81 18.06 20.10
C LEU C 145 22.61 19.23 20.66
N ARG C 146 23.90 19.28 20.31
CA ARG C 146 24.79 20.34 20.78
CA ARG C 146 24.80 20.35 20.76
C ARG C 146 24.24 21.73 20.47
N GLU C 147 23.80 21.94 19.23
CA GLU C 147 23.36 23.26 18.80
C GLU C 147 22.15 23.83 19.54
N LEU C 148 21.40 22.98 20.24
CA LEU C 148 20.17 23.44 20.89
C LEU C 148 20.36 23.80 22.35
N GLN C 149 21.54 23.51 22.88
CA GLN C 149 21.76 23.51 24.33
CA GLN C 149 21.71 23.51 24.33
C GLN C 149 21.50 24.82 25.08
N ASP C 150 21.72 25.96 24.43
CA ASP C 150 21.47 27.24 25.13
C ASP C 150 19.99 27.61 25.20
N LYS C 151 19.15 26.82 24.52
CA LYS C 151 17.70 27.01 24.57
C LYS C 151 16.97 25.88 25.28
N VAL C 152 17.73 24.94 25.84
CA VAL C 152 17.14 23.85 26.61
C VAL C 152 17.48 24.04 28.10
N PRO C 153 16.46 24.38 28.90
CA PRO C 153 16.70 24.63 30.34
C PRO C 153 17.05 23.34 31.08
N GLN C 154 17.61 23.49 32.28
CA GLN C 154 18.10 22.38 33.08
C GLN C 154 16.98 21.78 33.94
N LEU C 155 16.66 20.51 33.67
CA LEU C 155 15.62 19.80 34.42
C LEU C 155 16.22 19.06 35.61
N PRO C 156 15.45 18.93 36.71
CA PRO C 156 15.96 18.09 37.79
C PRO C 156 16.14 16.66 37.30
N GLY C 157 17.30 16.07 37.61
CA GLY C 157 17.63 14.73 37.18
C GLY C 157 18.37 14.69 35.85
N PHE C 158 18.52 15.84 35.19
CA PHE C 158 19.12 15.86 33.86
C PHE C 158 20.55 16.37 33.78
N SER C 159 21.13 16.76 34.92
CA SER C 159 22.44 17.45 34.91
C SER C 159 23.60 16.58 34.41
N TRP C 160 23.47 15.26 34.52
CA TRP C 160 24.51 14.34 34.04
C TRP C 160 24.59 14.34 32.52
N ILE C 161 23.56 14.84 31.86
CA ILE C 161 23.50 14.77 30.40
C ILE C 161 24.41 15.78 29.71
N LYS C 162 25.33 15.25 28.89
CA LYS C 162 26.18 16.05 28.02
C LYS C 162 25.85 15.76 26.55
N PRO C 163 25.24 16.74 25.88
CA PRO C 163 24.83 16.69 24.47
C PRO C 163 25.98 16.23 23.58
N CYS C 164 25.69 15.17 22.80
CA CYS C 164 26.65 14.28 22.11
C CYS C 164 26.36 14.06 20.65
N ILE C 165 25.70 15.02 20.06
CA ILE C 165 25.28 14.93 18.68
C ILE C 165 25.16 16.30 18.08
N SER C 166 25.76 16.46 16.93
CA SER C 166 25.57 17.70 16.18
CA SER C 166 25.57 17.70 16.18
C SER C 166 24.35 17.53 15.27
N SER C 167 23.71 18.63 14.93
CA SER C 167 22.48 18.62 14.16
C SER C 167 22.67 18.06 12.74
N ALA C 168 23.90 18.00 12.27
CA ALA C 168 24.18 17.44 10.97
C ALA C 168 24.33 15.93 11.07
N SER C 169 24.29 15.41 12.30
CA SER C 169 24.52 13.99 12.54
C SER C 169 23.27 13.15 12.84
N ILE C 170 22.09 13.73 12.67
CA ILE C 170 20.84 12.99 12.81
C ILE C 170 19.97 13.19 11.56
N VAL C 171 19.41 12.11 11.04
CA VAL C 171 18.45 12.17 9.94
C VAL C 171 17.17 11.47 10.36
N TYR C 172 16.04 12.13 10.12
CA TYR C 172 14.74 11.54 10.38
C TYR C 172 14.14 10.91 9.14
N ILE C 173 13.42 9.81 9.34
CA ILE C 173 12.63 9.19 8.31
C ILE C 173 11.22 8.85 8.82
N GLY C 174 10.19 9.34 8.18
CA GLY C 174 8.81 9.00 8.41
C GLY C 174 7.89 10.05 9.00
N LEU C 175 8.44 11.23 9.17
CA LEU C 175 7.72 12.31 9.83
C LEU C 175 6.41 12.74 9.17
N ARG C 176 5.33 12.70 9.95
CA ARG C 176 4.03 13.19 9.49
C ARG C 176 3.18 13.95 10.54
N ASP C 177 3.66 14.01 11.77
CA ASP C 177 2.96 14.65 12.87
C ASP C 177 3.98 15.49 13.63
N VAL C 178 4.18 16.71 13.16
CA VAL C 178 5.24 17.59 13.68
C VAL C 178 4.63 18.85 14.27
N ASP C 179 4.98 19.18 15.51
CA ASP C 179 4.47 20.40 16.15
C ASP C 179 5.18 21.61 15.52
N PRO C 180 4.46 22.74 15.39
CA PRO C 180 5.08 23.92 14.79
C PRO C 180 6.42 24.35 15.43
N PRO C 181 6.53 24.34 16.76
CA PRO C 181 7.87 24.69 17.25
C PRO C 181 8.95 23.69 16.83
N GLU C 182 8.58 22.43 16.66
CA GLU C 182 9.56 21.46 16.20
C GLU C 182 9.94 21.73 14.75
N HIS C 183 8.95 22.09 13.94
CA HIS C 183 9.21 22.42 12.55
C HIS C 183 10.17 23.61 12.46
N PHE C 184 9.94 24.63 13.29
CA PHE C 184 10.83 25.79 13.39
C PHE C 184 12.25 25.33 13.72
N ILE C 185 12.36 24.45 14.72
CA ILE C 185 13.67 23.96 15.15
C ILE C 185 14.38 23.22 14.02
N LEU C 186 13.66 22.33 13.34
CA LEU C 186 14.24 21.55 12.26
C LEU C 186 14.82 22.43 11.13
N LYS C 187 14.04 23.44 10.71
CA LYS C 187 14.47 24.38 9.66
C LYS C 187 15.58 25.30 10.15
N ASN C 188 15.42 25.80 11.37
CA ASN C 188 16.37 26.74 11.96
C ASN C 188 17.76 26.14 12.13
N TYR C 189 17.84 24.85 12.45
CA TYR C 189 19.13 24.20 12.63
C TYR C 189 19.51 23.33 11.43
N ASP C 190 18.73 23.43 10.36
CA ASP C 190 19.00 22.71 9.12
C ASP C 190 19.16 21.20 9.38
N ILE C 191 18.30 20.66 10.24
CA ILE C 191 18.30 19.23 10.49
C ILE C 191 17.59 18.52 9.33
N GLN C 192 18.25 17.53 8.73
CA GLN C 192 17.71 16.87 7.55
C GLN C 192 16.68 15.79 7.90
N TYR C 193 15.59 15.76 7.14
CA TYR C 193 14.59 14.75 7.35
C TYR C 193 13.87 14.34 6.08
N PHE C 194 13.37 13.12 6.10
CA PHE C 194 12.52 12.65 5.03
C PHE C 194 11.14 12.36 5.58
N SER C 195 10.22 13.25 5.29
CA SER C 195 8.85 13.11 5.73
C SER C 195 8.16 12.02 4.93
N MET C 196 6.95 11.61 5.33
CA MET C 196 6.18 10.68 4.51
C MET C 196 6.00 11.23 3.09
N ARG C 197 5.83 12.54 3.00
CA ARG C 197 5.73 13.23 1.73
C ARG C 197 6.98 13.01 0.86
N ASP C 198 8.16 13.13 1.46
CA ASP C 198 9.42 12.85 0.75
C ASP C 198 9.50 11.40 0.28
N ILE C 199 8.99 10.48 1.11
CA ILE C 199 8.97 9.09 0.71
C ILE C 199 8.02 8.89 -0.47
N ASP C 200 6.88 9.56 -0.45
CA ASP C 200 5.93 9.51 -1.55
C ASP C 200 6.58 9.93 -2.86
N ARG C 201 7.48 10.91 -2.78
CA ARG C 201 8.10 11.49 -3.96
C ARG C 201 9.29 10.68 -4.43
N LEU C 202 10.21 10.40 -3.51
CA LEU C 202 11.50 9.83 -3.86
C LEU C 202 11.50 8.31 -3.93
N GLY C 203 10.64 7.68 -3.13
CA GLY C 203 10.72 6.25 -2.89
C GLY C 203 11.73 5.94 -1.79
N ILE C 204 11.49 4.85 -1.06
CA ILE C 204 12.34 4.50 0.07
C ILE C 204 13.80 4.20 -0.30
N GLN C 205 14.06 3.71 -1.53
CA GLN C 205 15.45 3.44 -1.94
C GLN C 205 16.29 4.72 -1.99
N LYS C 206 15.76 5.73 -2.65
CA LYS C 206 16.44 7.03 -2.72
C LYS C 206 16.56 7.70 -1.36
N VAL C 207 15.54 7.52 -0.52
CA VAL C 207 15.59 8.09 0.82
C VAL C 207 16.77 7.51 1.59
N MET C 208 16.98 6.20 1.47
CA MET C 208 18.08 5.57 2.20
C MET C 208 19.44 5.96 1.62
N GLU C 209 19.55 5.98 0.29
CA GLU C 209 20.77 6.43 -0.36
C GLU C 209 21.18 7.82 0.14
N ARG C 210 20.23 8.75 0.13
CA ARG C 210 20.52 10.13 0.53
C ARG C 210 20.78 10.24 2.03
N THR C 211 20.08 9.41 2.80
CA THR C 211 20.30 9.35 4.24
C THR C 211 21.75 9.00 4.53
N PHE C 212 22.25 7.95 3.89
CA PHE C 212 23.61 7.52 4.16
C PHE C 212 24.63 8.52 3.59
N ASP C 213 24.33 9.08 2.42
CA ASP C 213 25.17 10.12 1.84
CA ASP C 213 25.17 10.13 1.85
C ASP C 213 25.43 11.22 2.87
N LEU C 214 24.37 11.76 3.45
CA LEU C 214 24.47 12.80 4.47
C LEU C 214 25.28 12.38 5.68
N LEU C 215 25.11 11.13 6.11
CA LEU C 215 25.68 10.72 7.38
C LEU C 215 27.04 10.09 7.25
N ILE C 216 27.20 9.24 6.24
CA ILE C 216 28.44 8.49 6.15
C ILE C 216 29.05 8.63 4.75
N GLY C 217 28.64 9.66 4.03
CA GLY C 217 29.15 9.88 2.69
C GLY C 217 30.63 10.20 2.62
N LYS C 218 31.18 10.79 3.69
CA LYS C 218 32.62 11.11 3.73
C LYS C 218 33.47 10.16 4.59
N ARG C 219 32.86 9.55 5.60
CA ARG C 219 33.61 8.62 6.46
C ARG C 219 32.66 7.61 7.11
N GLN C 220 33.22 6.46 7.47
CA GLN C 220 32.48 5.42 8.19
C GLN C 220 32.24 5.88 9.62
N ARG C 221 31.02 5.72 10.11
CA ARG C 221 30.68 6.10 11.47
C ARG C 221 29.75 5.05 12.07
N PRO C 222 29.89 4.78 13.37
CA PRO C 222 28.91 3.87 13.98
C PRO C 222 27.50 4.47 13.89
N ILE C 223 26.52 3.64 13.54
CA ILE C 223 25.15 4.09 13.33
C ILE C 223 24.27 3.72 14.52
N HIS C 224 23.53 4.69 15.02
CA HIS C 224 22.52 4.42 16.03
C HIS C 224 21.15 4.53 15.37
N LEU C 225 20.40 3.42 15.32
CA LEU C 225 19.03 3.39 14.79
C LEU C 225 18.00 3.49 15.91
N SER C 226 17.28 4.61 15.98
CA SER C 226 16.24 4.75 16.98
C SER C 226 14.87 4.63 16.28
N PHE C 227 14.22 3.48 16.44
CA PHE C 227 13.03 3.15 15.65
C PHE C 227 11.80 3.15 16.55
N ASP C 228 10.95 4.15 16.35
CA ASP C 228 9.67 4.24 17.03
C ASP C 228 8.66 3.45 16.20
N ILE C 229 8.01 2.47 16.81
CA ILE C 229 7.12 1.58 16.08
C ILE C 229 6.02 2.37 15.37
N ASP C 230 5.66 3.53 15.90
CA ASP C 230 4.63 4.35 15.27
C ASP C 230 5.02 5.00 13.94
N ALA C 231 6.27 4.82 13.50
CA ALA C 231 6.61 5.19 12.14
C ALA C 231 5.75 4.38 11.17
N PHE C 232 5.44 3.14 11.53
CA PHE C 232 4.59 2.31 10.69
C PHE C 232 3.15 2.81 10.70
N ASP C 233 2.47 2.63 9.58
CA ASP C 233 1.03 2.89 9.54
C ASP C 233 0.30 2.14 10.67
N PRO C 234 -0.67 2.81 11.32
CA PRO C 234 -1.46 2.22 12.42
C PRO C 234 -2.15 0.90 12.09
N THR C 235 -2.46 0.63 10.83
CA THR C 235 -3.02 -0.66 10.47
C THR C 235 -2.05 -1.81 10.72
N LEU C 236 -0.76 -1.51 10.65
CA LEU C 236 0.28 -2.51 10.84
C LEU C 236 0.80 -2.51 12.28
N ALA C 237 0.85 -1.33 12.91
CA ALA C 237 1.32 -1.22 14.28
C ALA C 237 0.29 -0.52 15.17
N PRO C 238 -0.85 -1.17 15.42
CA PRO C 238 -1.88 -0.45 16.21
C PRO C 238 -1.53 -0.31 17.70
N ALA C 239 -0.72 -1.21 18.24
CA ALA C 239 -0.49 -1.21 19.69
C ALA C 239 0.60 -0.19 20.10
N THR C 240 0.23 1.09 20.09
CA THR C 240 1.19 2.17 20.33
C THR C 240 0.45 3.45 20.74
N GLY C 241 1.14 4.34 21.46
CA GLY C 241 0.47 5.45 22.12
C GLY C 241 -0.02 6.64 21.29
N THR C 242 0.69 6.96 20.22
CA THR C 242 0.34 8.10 19.39
CA THR C 242 0.32 8.11 19.39
C THR C 242 0.29 7.73 17.92
N PRO C 243 -0.68 6.89 17.53
CA PRO C 243 -0.72 6.46 16.12
C PRO C 243 -1.08 7.60 15.18
N VAL C 244 -0.47 7.63 14.01
CA VAL C 244 -0.81 8.62 12.99
C VAL C 244 -0.99 7.94 11.64
N VAL C 245 -2.16 8.12 11.04
CA VAL C 245 -2.46 7.53 9.74
C VAL C 245 -1.46 7.94 8.65
N GLY C 246 -1.25 7.06 7.69
CA GLY C 246 -0.44 7.38 6.52
C GLY C 246 1.03 7.14 6.78
N GLY C 247 1.34 6.04 7.48
CA GLY C 247 2.70 5.73 7.85
C GLY C 247 3.43 4.83 6.86
N LEU C 248 4.59 4.33 7.28
CA LEU C 248 5.36 3.38 6.50
C LEU C 248 4.58 2.10 6.23
N THR C 249 4.76 1.53 5.04
CA THR C 249 4.23 0.20 4.75
C THR C 249 5.18 -0.80 5.40
N TYR C 250 4.76 -2.06 5.45
CA TYR C 250 5.60 -3.13 5.93
C TYR C 250 6.89 -3.23 5.11
N ARG C 251 6.74 -3.22 3.79
CA ARG C 251 7.90 -3.35 2.89
C ARG C 251 8.88 -2.20 3.07
N GLU C 252 8.35 -0.98 3.24
CA GLU C 252 9.22 0.17 3.45
C GLU C 252 10.01 0.02 4.74
N GLY C 253 9.33 -0.41 5.80
CA GLY C 253 10.01 -0.64 7.06
C GLY C 253 11.13 -1.66 6.95
N MET C 254 10.87 -2.78 6.27
CA MET C 254 11.91 -3.77 6.06
C MET C 254 13.05 -3.17 5.24
N TYR C 255 12.69 -2.39 4.22
CA TYR C 255 13.72 -1.85 3.33
C TYR C 255 14.68 -0.97 4.13
N ILE C 256 14.14 -0.13 5.00
CA ILE C 256 14.96 0.70 5.88
C ILE C 256 15.94 -0.16 6.66
N ALA C 257 15.40 -1.18 7.33
CA ALA C 257 16.22 -2.05 8.19
C ALA C 257 17.30 -2.79 7.41
N GLU C 258 16.95 -3.33 6.24
CA GLU C 258 17.90 -3.98 5.32
C GLU C 258 19.05 -3.05 4.95
N GLU C 259 18.72 -1.80 4.63
CA GLU C 259 19.76 -0.84 4.27
C GLU C 259 20.64 -0.46 5.45
N ILE C 260 20.05 -0.31 6.64
CA ILE C 260 20.83 -0.17 7.87
C ILE C 260 21.80 -1.36 8.00
N HIS C 261 21.28 -2.59 7.87
CA HIS C 261 22.15 -3.75 7.94
C HIS C 261 23.25 -3.73 6.88
N ASN C 262 22.90 -3.35 5.66
CA ASN C 262 23.85 -3.38 4.55
C ASN C 262 25.05 -2.41 4.69
N THR C 263 24.93 -1.39 5.53
CA THR C 263 26.06 -0.48 5.77
C THR C 263 27.18 -1.21 6.51
N GLY C 264 26.83 -2.26 7.26
CA GLY C 264 27.79 -2.94 8.10
C GLY C 264 28.19 -2.14 9.34
N LEU C 265 27.51 -1.01 9.58
CA LEU C 265 27.92 -0.06 10.62
C LEU C 265 26.97 0.05 11.83
N LEU C 266 25.88 -0.71 11.82
CA LEU C 266 24.92 -0.63 12.92
C LEU C 266 25.57 -0.99 14.24
N SER C 267 25.50 -0.09 15.21
CA SER C 267 26.16 -0.29 16.50
C SER C 267 25.17 -0.34 17.68
N ALA C 268 24.02 0.31 17.52
CA ALA C 268 22.95 0.28 18.50
C ALA C 268 21.59 0.58 17.86
N LEU C 269 20.56 -0.04 18.42
CA LEU C 269 19.20 0.04 17.95
C LEU C 269 18.21 0.15 19.13
N ASP C 270 17.31 1.13 19.05
CA ASP C 270 16.17 1.24 19.96
C ASP C 270 14.90 0.80 19.22
N LEU C 271 14.05 0.04 19.85
CA LEU C 271 12.76 -0.32 19.32
C LEU C 271 11.76 0.00 20.40
N VAL C 272 11.10 1.13 20.23
CA VAL C 272 10.35 1.75 21.30
C VAL C 272 8.89 1.95 20.97
N GLU C 273 8.10 2.17 22.02
CA GLU C 273 6.70 2.57 21.93
C GLU C 273 5.70 1.46 21.57
N VAL C 274 6.15 0.21 21.63
CA VAL C 274 5.19 -0.90 21.59
C VAL C 274 4.41 -0.97 22.92
N ASN C 275 3.08 -0.77 22.85
CA ASN C 275 2.25 -0.80 24.06
C ASN C 275 1.12 -1.79 23.82
N PRO C 276 1.32 -3.04 24.28
CA PRO C 276 0.38 -4.14 24.03
C PRO C 276 -1.02 -3.88 24.62
N GLN C 277 -1.11 -3.09 25.68
CA GLN C 277 -2.42 -2.79 26.28
C GLN C 277 -3.30 -1.91 25.42
N LEU C 278 -2.72 -1.27 24.41
CA LEU C 278 -3.48 -0.35 23.57
C LEU C 278 -4.10 -1.04 22.37
N ALA C 279 -3.80 -2.32 22.22
CA ALA C 279 -4.44 -3.12 21.20
C ALA C 279 -5.92 -3.35 21.55
N THR C 280 -6.80 -3.37 20.54
CA THR C 280 -8.21 -3.69 20.80
C THR C 280 -8.40 -5.21 20.89
N SER C 281 -7.36 -5.96 20.53
CA SER C 281 -7.40 -7.43 20.64
C SER C 281 -5.99 -8.01 20.85
N GLU C 282 -5.91 -9.22 21.33
CA GLU C 282 -4.66 -9.90 21.46
C GLU C 282 -3.97 -10.06 20.11
N GLU C 283 -4.75 -10.21 19.06
CA GLU C 283 -4.24 -10.26 17.70
C GLU C 283 -3.53 -8.96 17.31
N GLU C 284 -4.15 -7.82 17.55
CA GLU C 284 -3.53 -6.53 17.27
C GLU C 284 -2.23 -6.33 18.06
N ALA C 285 -2.20 -6.82 19.29
CA ALA C 285 -1.00 -6.70 20.11
C ALA C 285 0.13 -7.55 19.53
N LYS C 286 -0.17 -8.81 19.21
CA LYS C 286 0.84 -9.73 18.69
C LYS C 286 1.38 -9.29 17.33
N THR C 287 0.51 -8.79 16.45
CA THR C 287 0.99 -8.35 15.15
CA THR C 287 1.00 -8.35 15.15
C THR C 287 1.95 -7.17 15.32
N THR C 288 1.66 -6.27 16.26
CA THR C 288 2.58 -5.16 16.55
C THR C 288 3.94 -5.66 17.06
N ALA C 289 3.91 -6.62 18.00
CA ALA C 289 5.16 -7.18 18.55
C ALA C 289 5.94 -7.97 17.52
N ASN C 290 5.22 -8.69 16.65
CA ASN C 290 5.83 -9.42 15.54
C ASN C 290 6.51 -8.50 14.54
N LEU C 291 5.90 -7.34 14.28
CA LEU C 291 6.47 -6.34 13.38
C LEU C 291 7.77 -5.79 13.99
N ALA C 292 7.75 -5.57 15.31
CA ALA C 292 8.95 -5.13 16.03
C ALA C 292 10.10 -6.14 15.89
N VAL C 293 9.80 -7.43 16.03
CA VAL C 293 10.82 -8.47 15.86
C VAL C 293 11.37 -8.47 14.43
N ASP C 294 10.48 -8.36 13.45
CA ASP C 294 10.88 -8.22 12.03
C ASP C 294 11.87 -7.06 11.76
N VAL C 295 11.62 -5.90 12.34
CA VAL C 295 12.53 -4.76 12.14
C VAL C 295 13.91 -5.08 12.70
N ILE C 296 13.93 -5.55 13.94
CA ILE C 296 15.17 -5.85 14.62
C ILE C 296 15.94 -6.93 13.87
N ALA C 297 15.24 -7.99 13.46
CA ALA C 297 15.89 -9.09 12.73
C ALA C 297 16.46 -8.61 11.40
N SER C 298 15.69 -7.79 10.68
CA SER C 298 16.13 -7.29 9.39
CA SER C 298 16.14 -7.29 9.39
C SER C 298 17.33 -6.35 9.58
N SER C 299 17.32 -5.59 10.67
CA SER C 299 18.43 -4.68 10.96
C SER C 299 19.74 -5.44 11.22
N PHE C 300 19.64 -6.71 11.63
CA PHE C 300 20.84 -7.51 11.83
C PHE C 300 21.05 -8.60 10.77
N GLY C 301 20.37 -8.47 9.63
CA GLY C 301 20.69 -9.28 8.48
C GLY C 301 19.64 -10.20 7.90
N GLN C 302 18.44 -10.24 8.47
CA GLN C 302 17.40 -11.08 7.88
C GLN C 302 17.01 -10.50 6.52
N THR C 303 16.96 -11.37 5.51
CA THR C 303 16.65 -10.92 4.16
C THR C 303 15.31 -11.46 3.75
N ARG C 304 14.81 -10.95 2.62
CA ARG C 304 13.61 -11.49 1.99
C ARG C 304 13.96 -12.38 0.77
N GLU C 305 15.20 -12.77 0.62
CA GLU C 305 15.59 -13.69 -0.46
C GLU C 305 16.40 -14.94 -0.11
N GLY C 306 16.57 -15.22 1.15
CA GLY C 306 17.29 -16.43 1.54
C GLY C 306 18.81 -16.36 1.44
MN MN D . 4.16 -21.82 -5.59
MN MN E . 3.99 -19.85 -2.87
C1 BEN F . 16.11 -39.17 5.43
C2 BEN F . 17.25 -38.41 5.62
C3 BEN F . 18.40 -38.69 4.87
C4 BEN F . 18.38 -39.75 3.95
C5 BEN F . 17.24 -40.52 3.78
C6 BEN F . 16.11 -40.22 4.52
C BEN F . 14.89 -38.87 6.24
N1 BEN F . 13.68 -38.93 5.68
N2 BEN F . 15.04 -38.54 7.52
C1 BME G . -9.29 -11.37 -25.21
C2 BME G . -9.52 -12.69 -25.94
O1 BME G . -7.89 -11.14 -25.09
S2 BME G . -9.04 -14.06 -24.87
CL1 XA1 H . 5.01 -24.74 11.24
C23 XA1 H . 6.31 -24.48 10.02
C22 XA1 H . 6.61 -25.48 9.09
C21 XA1 H . 7.61 -25.28 8.14
C24 XA1 H . 7.03 -23.27 10.00
C25 XA1 H . 8.03 -23.08 9.06
C20 XA1 H . 8.33 -24.08 8.13
C19 XA1 H . 9.42 -23.84 7.09
N16 XA1 H . 9.02 -24.44 5.79
C15 XA1 H . 10.25 -24.52 4.97
C14 XA1 H . 9.99 -24.97 3.52
C17 XA1 H . 7.96 -23.61 5.18
C18 XA1 H . 8.21 -23.28 3.71
C13 XA1 H . 8.62 -24.57 3.00
C4 XA1 H . 8.53 -24.51 1.47
C1 XA1 H . 8.58 -25.94 1.03
O3 XA1 H . 7.74 -26.74 1.49
O2 XA1 H . 9.50 -26.30 0.26
N5 XA1 H . 9.70 -23.85 0.88
C6 XA1 H . 7.24 -23.81 1.06
C7 XA1 H . 6.92 -23.87 -0.41
C8 XA1 H . 5.45 -23.50 -0.68
C9 XA1 H . 5.04 -23.95 -2.09
B10 XA1 H . 4.17 -22.85 -2.83
O27 XA1 H . 3.67 -23.60 -4.09
O12 XA1 H . 4.90 -21.71 -3.50
O11 XA1 H . 2.88 -22.45 -2.16
MN MN I . -17.72 10.77 -9.76
MN MN J . -16.72 7.68 -8.96
C1 BEN K . -34.52 3.51 -24.90
C2 BEN K . -33.65 2.89 -25.79
C3 BEN K . -33.39 3.50 -27.02
C4 BEN K . -34.00 4.71 -27.36
C5 BEN K . -34.85 5.32 -26.46
C6 BEN K . -35.12 4.72 -25.23
C BEN K . -34.82 2.88 -23.58
N1 BEN K . -34.97 3.64 -22.49
N2 BEN K . -34.90 1.56 -23.49
C1 BME L . -5.15 28.61 4.72
C2 BME L . -6.21 29.69 4.57
O1 BME L . -4.67 28.25 3.41
S2 BME L . -7.68 29.04 3.77
CL1 XA1 M . -25.69 -4.38 -10.18
C23 XA1 M . -24.68 -3.50 -11.40
C22 XA1 M . -25.14 -2.31 -11.95
C21 XA1 M . -24.37 -1.64 -12.89
C24 XA1 M . -23.44 -4.01 -11.77
C25 XA1 M . -22.67 -3.33 -12.71
C20 XA1 M . -23.13 -2.15 -13.27
C19 XA1 M . -22.27 -1.41 -14.28
N16 XA1 M . -22.50 0.05 -14.19
C15 XA1 M . -22.12 0.61 -15.52
C14 XA1 M . -22.04 2.14 -15.59
C17 XA1 M . -21.70 0.58 -13.06
C18 XA1 M . -20.88 1.82 -13.42
C13 XA1 M . -21.78 2.75 -14.22
C4 XA1 M . -21.33 4.21 -14.25
C1 XA1 M . -22.55 5.00 -14.67
O3 XA1 M . -23.58 4.91 -13.96
O2 XA1 M . -22.50 5.65 -15.73
N5 XA1 M . -20.27 4.46 -15.21
C6 XA1 M . -20.81 4.56 -12.85
C7 XA1 M . -20.94 6.04 -12.52
C8 XA1 M . -20.45 6.38 -11.10
C9 XA1 M . -20.58 7.88 -10.88
B10 XA1 M . -19.45 8.41 -9.89
O27 XA1 M . -19.85 9.91 -9.75
O12 XA1 M . -18.10 8.55 -10.50
O11 XA1 M . -19.43 7.94 -8.46
MN MN N . 6.44 8.70 17.44
MN MN O . 9.33 8.69 19.15
C1 BEN P . 3.41 27.34 32.76
C2 BEN P . 3.27 28.22 31.70
C3 BEN P . 4.20 29.23 31.50
C4 BEN P . 5.28 29.36 32.37
C5 BEN P . 5.42 28.48 33.44
C6 BEN P . 4.49 27.47 33.64
C BEN P . 2.38 26.24 32.98
N1 BEN P . 2.76 25.02 33.36
N2 BEN P . 1.10 26.51 32.80
C1 BME Q . 24.21 -11.32 12.14
C2 BME Q . 25.07 -11.34 13.41
O1 BME Q . 24.22 -10.00 11.60
S2 BME Q . 24.34 -10.25 14.66
CL1 XA1 R . -6.39 14.52 23.16
C23 XA1 R . -5.00 15.26 22.31
C22 XA1 R . -3.83 15.54 23.02
C21 XA1 R . -2.73 16.11 22.38
C24 XA1 R . -5.06 15.57 20.95
C25 XA1 R . -3.96 16.14 20.31
C20 XA1 R . -2.80 16.43 21.02
C19 XA1 R . -1.60 17.03 20.32
N16 XA1 R . -0.34 16.60 20.98
C15 XA1 R . 0.69 17.58 20.59
C14 XA1 R . 2.15 17.19 20.86
C17 XA1 R . -0.01 15.19 20.59
C18 XA1 R . 1.40 14.98 20.04
C13 XA1 R . 2.34 15.69 20.99
C4 XA1 R . 3.81 15.24 20.88
C1 XA1 R . 4.43 15.65 22.20
O3 XA1 R . 3.93 15.21 23.26
O2 XA1 R . 5.39 16.46 22.16
N5 XA1 R . 4.57 15.94 19.85
C6 XA1 R . 3.82 13.72 20.64
C7 XA1 R . 5.21 13.12 20.69
C8 XA1 R . 5.14 11.58 20.69
C9 XA1 R . 6.48 10.98 21.10
B10 XA1 R . 6.81 9.66 20.28
O27 XA1 R . 8.03 9.11 21.06
O12 XA1 R . 7.44 9.87 18.94
O11 XA1 R . 5.81 8.51 20.34
#